data_7YEL
#
_entry.id   7YEL
#
_cell.length_a   72.530
_cell.length_b   115.710
_cell.length_c   169.280
_cell.angle_alpha   90.00
_cell.angle_beta   90.00
_cell.angle_gamma   90.00
#
_symmetry.space_group_name_H-M   'P 21 21 21'
#
loop_
_entity.id
_entity.type
_entity.pdbx_description
1 polymer 'Deoxyribodipyrimidine photo-lyase'
2 polymer 'CPD photolesion containing DNA after repair'
3 polymer 'complementary oligonucleotide to the CPD containing DNA'
4 polymer 'CPD photolesion containing DNA after repair'
5 non-polymer 'FLAVIN-ADENINE DINUCLEOTIDE'
6 non-polymer 'SULFATE ION'
7 water water
#
loop_
_entity_poly.entity_id
_entity_poly.type
_entity_poly.pdbx_seq_one_letter_code
_entity_poly.pdbx_strand_id
1 'polypeptide(L)'
;MGSSHHHHHHSSGLVPRGSHMNPKRIRALKSGKQGDGPVVYWMSRDQRAEDNWALLFSRAIAKEANVPVVVVFCLTDEFL
EAGIRQYEFMLKGLQELEVSLSRKKIPSFFLRGDPGEKISRFVKDYNAGTLVTDFSPLRIKNQWIEKVISGISIPFFEVD
AHNVVPCWEASQKHEYAAHTFRPKLYALLPEFLEEFPELEPNSVTPELSAGAGMVETLSDVLETGVKALLPERALLKNKD
PLFEPWHFEPGEKAAKKVMESFIADRLDSYGALRNDPTKNMLSNLSPYLHFGQISSQRVVLEVEKAESNPGSKKAFLDEI
LIWKEISDNFCYYNPGYDGFESFPSWAKESLNAHRNDVRSHIYTLEEFEAGKTHDPLWNASQMELLSTGKMHGYTRMYWA
KKILEWSESPEKALEIAICLNDRYELDGRDPNGYAGIAWSIGGVHDRAWGEREVTGKIRYMSYEGCKRKFDVKLYIEKYS
AL
;
A,B
2 'polydeoxyribonucleotide' (DT)(DC)(DG)(DG)(DC)(DT)(DT)(DC)(DG)(DC)(DG)(DC)(DA) C
3 'polydeoxyribonucleotide' (DT)(DG)(DC)(DG)(DC)(DG)(DA)(DA)(DG)(DC)(DC)(DG)(DA)(DT) D,F
4 'polydeoxyribonucleotide' (DT)(DC)(DG)(DG)(DC)(TTD)(DC)(DG)(DC)(DG)(DC)(DA) E
#
loop_
_chem_comp.id
_chem_comp.type
_chem_comp.name
_chem_comp.formula
DA DNA linking 2'-DEOXYADENOSINE-5'-MONOPHOSPHATE 'C10 H14 N5 O6 P'
DC DNA linking 2'-DEOXYCYTIDINE-5'-MONOPHOSPHATE 'C9 H14 N3 O7 P'
DG DNA linking 2'-DEOXYGUANOSINE-5'-MONOPHOSPHATE 'C10 H14 N5 O7 P'
DT DNA linking THYMIDINE-5'-MONOPHOSPHATE 'C10 H15 N2 O8 P'
FAD non-polymer 'FLAVIN-ADENINE DINUCLEOTIDE' 'C27 H33 N9 O15 P2'
SO4 non-polymer 'SULFATE ION' 'O4 S -2'
TTD DNA linking 'CIS-SYN CYCLOBUTANE THYMINE DIMER' 'C20 H28 N4 O15 P2'
#
# COMPACT_ATOMS: atom_id res chain seq x y z
N PRO A 16 -28.82 1.94 32.38
CA PRO A 16 -29.60 0.73 32.16
C PRO A 16 -29.42 -0.31 33.27
N ARG A 17 -29.84 0.06 34.49
CA ARG A 17 -29.79 -0.82 35.66
C ARG A 17 -28.37 -1.22 36.01
N GLY A 18 -28.21 -2.09 37.01
CA GLY A 18 -26.91 -2.54 37.44
C GLY A 18 -26.37 -1.79 38.63
N SER A 19 -25.68 -2.49 39.54
CA SER A 19 -25.05 -1.88 40.70
C SER A 19 -23.55 -1.81 40.55
N HIS A 20 -22.89 -2.94 40.26
CA HIS A 20 -21.48 -2.94 39.90
C HIS A 20 -21.29 -2.66 38.42
N MET A 21 -21.90 -1.58 37.95
CA MET A 21 -22.08 -1.33 36.52
C MET A 21 -21.95 0.17 36.28
N ASN A 22 -20.85 0.58 35.65
CA ASN A 22 -20.60 1.99 35.38
C ASN A 22 -21.21 2.35 34.05
N PRO A 23 -22.24 3.20 34.00
CA PRO A 23 -22.87 3.52 32.71
C PRO A 23 -21.98 4.28 31.74
N LYS A 24 -20.85 4.82 32.21
CA LYS A 24 -19.90 5.45 31.29
C LYS A 24 -19.22 4.45 30.37
N ARG A 25 -19.27 3.16 30.71
CA ARG A 25 -18.70 2.14 29.84
C ARG A 25 -19.57 1.89 28.61
N ILE A 26 -20.85 2.26 28.65
CA ILE A 26 -21.78 2.02 27.57
C ILE A 26 -22.23 3.36 27.00
N ARG A 27 -22.47 3.37 25.69
CA ARG A 27 -23.01 4.55 25.01
C ARG A 27 -23.94 4.08 23.91
N ALA A 28 -24.98 4.89 23.66
CA ALA A 28 -26.01 4.53 22.71
C ALA A 28 -25.60 4.93 21.29
N LEU A 29 -25.77 4.01 20.34
CA LEU A 29 -25.51 4.28 18.95
C LEU A 29 -26.77 4.60 18.15
N LYS A 30 -27.94 4.18 18.61
CA LYS A 30 -29.18 4.44 17.91
C LYS A 30 -30.34 4.26 18.89
N SER A 31 -31.19 5.28 19.00
CA SER A 31 -32.37 5.19 19.85
C SER A 31 -33.47 4.43 19.13
N GLY A 32 -34.43 3.93 19.91
CA GLY A 32 -35.55 3.20 19.35
C GLY A 32 -36.35 2.53 20.44
N LYS A 33 -37.42 1.88 20.00
CA LYS A 33 -38.30 1.17 20.92
C LYS A 33 -37.72 -0.20 21.24
N GLN A 34 -37.69 -0.55 22.52
CA GLN A 34 -37.12 -1.81 22.98
C GLN A 34 -38.10 -2.94 22.69
N GLY A 35 -37.71 -3.84 21.78
CA GLY A 35 -38.59 -4.92 21.39
C GLY A 35 -38.70 -6.00 22.45
N ASP A 36 -39.71 -6.86 22.27
CA ASP A 36 -40.01 -7.91 23.23
C ASP A 36 -39.17 -9.17 23.02
N GLY A 37 -38.12 -9.10 22.20
CA GLY A 37 -37.29 -10.24 21.94
C GLY A 37 -36.04 -10.28 22.81
N PRO A 38 -35.18 -11.26 22.55
CA PRO A 38 -33.97 -11.41 23.36
C PRO A 38 -32.96 -10.30 23.06
N VAL A 39 -32.00 -10.16 23.97
CA VAL A 39 -30.91 -9.20 23.81
C VAL A 39 -29.77 -9.90 23.08
N VAL A 40 -29.28 -9.28 22.02
CA VAL A 40 -28.25 -9.86 21.17
C VAL A 40 -26.95 -9.11 21.41
N TYR A 41 -25.92 -9.83 21.82
CA TYR A 41 -24.57 -9.29 21.96
C TYR A 41 -23.80 -9.63 20.69
N TRP A 42 -23.62 -8.63 19.83
CA TRP A 42 -22.80 -8.78 18.63
C TRP A 42 -21.34 -8.75 19.06
N MET A 43 -20.72 -9.92 19.15
CA MET A 43 -19.35 -10.05 19.63
C MET A 43 -18.38 -9.98 18.46
N SER A 44 -17.50 -8.98 18.48
CA SER A 44 -16.47 -8.86 17.45
C SER A 44 -15.06 -8.89 18.02
N ARG A 45 -14.73 -8.03 18.97
CA ARG A 45 -13.36 -7.82 19.40
C ARG A 45 -12.98 -8.55 20.68
N ASP A 46 -13.93 -8.74 21.60
CA ASP A 46 -13.66 -9.35 22.90
C ASP A 46 -14.26 -10.76 22.88
N GLN A 47 -13.50 -11.73 22.38
CA GLN A 47 -13.97 -13.10 22.23
C GLN A 47 -13.69 -13.89 23.51
N ARG A 48 -14.45 -13.55 24.54
CA ARG A 48 -14.34 -14.23 25.83
C ARG A 48 -15.67 -14.17 26.54
N ALA A 49 -15.83 -15.03 27.54
CA ALA A 49 -17.01 -15.04 28.39
C ALA A 49 -16.81 -14.28 29.70
N GLU A 50 -15.70 -14.52 30.38
CA GLU A 50 -15.40 -13.85 31.64
C GLU A 50 -14.82 -12.47 31.39
N ASP A 51 -14.92 -11.61 32.40
CA ASP A 51 -14.30 -10.29 32.40
C ASP A 51 -14.64 -9.50 31.14
N ASN A 52 -15.93 -9.53 30.79
CA ASN A 52 -16.42 -8.90 29.56
C ASN A 52 -17.58 -7.99 29.92
N TRP A 53 -17.34 -6.68 29.89
CA TRP A 53 -18.40 -5.72 30.20
C TRP A 53 -19.53 -5.79 29.18
N ALA A 54 -19.18 -5.93 27.90
CA ALA A 54 -20.20 -5.97 26.86
C ALA A 54 -21.17 -7.12 27.08
N LEU A 55 -20.64 -8.30 27.43
CA LEU A 55 -21.52 -9.41 27.77
C LEU A 55 -22.23 -9.17 29.10
N LEU A 56 -21.54 -8.56 30.06
CA LEU A 56 -22.18 -8.26 31.35
C LEU A 56 -23.25 -7.20 31.21
N PHE A 57 -23.00 -6.17 30.39
CA PHE A 57 -24.03 -5.17 30.13
C PHE A 57 -25.24 -5.78 29.43
N SER A 58 -24.99 -6.70 28.48
CA SER A 58 -26.09 -7.37 27.79
C SER A 58 -26.92 -8.20 28.76
N ARG A 59 -26.28 -8.92 29.67
CA ARG A 59 -27.00 -9.76 30.62
C ARG A 59 -27.86 -8.91 31.54
N ALA A 60 -27.34 -7.77 31.99
CA ALA A 60 -28.12 -6.89 32.87
C ALA A 60 -29.35 -6.36 32.16
N ILE A 61 -29.20 -5.95 30.90
CA ILE A 61 -30.34 -5.45 30.14
C ILE A 61 -31.37 -6.55 29.93
N ALA A 62 -30.91 -7.76 29.62
CA ALA A 62 -31.81 -8.89 29.43
C ALA A 62 -32.55 -9.23 30.72
N LYS A 63 -31.85 -9.15 31.86
CA LYS A 63 -32.49 -9.43 33.14
C LYS A 63 -33.57 -8.41 33.46
N GLU A 64 -33.35 -7.14 33.12
CA GLU A 64 -34.34 -6.12 33.40
C GLU A 64 -35.58 -6.28 32.53
N ALA A 65 -35.45 -6.89 31.35
CA ALA A 65 -36.56 -7.07 30.43
C ALA A 65 -37.10 -8.50 30.44
N ASN A 66 -36.60 -9.36 31.34
CA ASN A 66 -37.06 -10.74 31.47
C ASN A 66 -36.96 -11.49 30.15
N VAL A 67 -35.83 -11.32 29.46
CA VAL A 67 -35.59 -11.97 28.17
C VAL A 67 -34.21 -12.62 28.23
N PRO A 68 -33.94 -13.59 27.37
CA PRO A 68 -32.61 -14.19 27.34
C PRO A 68 -31.60 -13.30 26.63
N VAL A 69 -30.33 -13.62 26.84
CA VAL A 69 -29.21 -12.97 26.15
C VAL A 69 -28.57 -14.00 25.24
N VAL A 70 -28.24 -13.57 24.02
CA VAL A 70 -27.60 -14.43 23.04
C VAL A 70 -26.38 -13.72 22.48
N VAL A 71 -25.44 -14.51 21.98
CA VAL A 71 -24.19 -14.01 21.40
C VAL A 71 -24.17 -14.39 19.93
N VAL A 72 -23.83 -13.43 19.08
CA VAL A 72 -23.66 -13.68 17.65
C VAL A 72 -22.26 -13.23 17.24
N PHE A 73 -21.63 -14.01 16.36
CA PHE A 73 -20.29 -13.73 15.86
C PHE A 73 -20.31 -13.93 14.35
N CYS A 74 -19.92 -12.90 13.61
CA CYS A 74 -19.92 -12.94 12.15
C CYS A 74 -18.49 -13.15 11.66
N LEU A 75 -18.25 -14.27 10.99
CA LEU A 75 -16.96 -14.55 10.37
C LEU A 75 -16.95 -13.95 8.98
N THR A 76 -16.04 -13.01 8.74
CA THR A 76 -15.99 -12.25 7.51
C THR A 76 -14.94 -12.83 6.56
N ASP A 77 -14.79 -12.19 5.41
CA ASP A 77 -13.76 -12.55 4.44
C ASP A 77 -12.41 -11.92 4.77
N GLU A 78 -12.28 -11.26 5.92
CA GLU A 78 -11.01 -10.65 6.32
C GLU A 78 -9.93 -11.68 6.60
N PHE A 79 -10.30 -12.92 6.91
CA PHE A 79 -9.30 -13.95 7.16
C PHE A 79 -8.47 -14.26 5.93
N LEU A 80 -9.00 -13.97 4.73
CA LEU A 80 -8.25 -14.22 3.51
C LEU A 80 -7.08 -13.27 3.34
N GLU A 81 -7.04 -12.18 4.09
CA GLU A 81 -5.92 -11.25 4.04
CA GLU A 81 -5.92 -11.24 4.05
C GLU A 81 -4.81 -11.60 5.03
N ALA A 82 -5.00 -12.67 5.81
CA ALA A 82 -4.01 -13.12 6.78
C ALA A 82 -3.74 -14.61 6.55
N GLY A 83 -3.01 -15.25 7.47
CA GLY A 83 -2.64 -16.64 7.33
C GLY A 83 -3.45 -17.58 8.21
N ILE A 84 -3.07 -18.87 8.13
CA ILE A 84 -3.70 -19.90 8.94
C ILE A 84 -3.35 -19.73 10.42
N ARG A 85 -2.20 -19.12 10.71
CA ARG A 85 -1.79 -18.93 12.10
C ARG A 85 -2.82 -18.16 12.89
N GLN A 86 -3.36 -17.07 12.34
CA GLN A 86 -4.40 -16.32 13.01
C GLN A 86 -5.75 -17.01 12.93
N TYR A 87 -6.05 -17.64 11.80
CA TYR A 87 -7.35 -18.28 11.62
C TYR A 87 -7.55 -19.44 12.59
N GLU A 88 -6.52 -20.26 12.77
CA GLU A 88 -6.62 -21.38 13.71
C GLU A 88 -6.63 -20.90 15.15
N PHE A 89 -5.87 -19.86 15.45
CA PHE A 89 -5.84 -19.32 16.81
C PHE A 89 -7.21 -18.78 17.22
N MET A 90 -7.88 -18.08 16.30
CA MET A 90 -9.19 -17.53 16.60
C MET A 90 -10.26 -18.62 16.67
N LEU A 91 -10.27 -19.53 15.69
CA LEU A 91 -11.34 -20.50 15.61
C LEU A 91 -11.30 -21.50 16.76
N LYS A 92 -10.10 -21.93 17.15
CA LYS A 92 -9.99 -22.83 18.30
C LYS A 92 -10.53 -22.18 19.57
N GLY A 93 -10.21 -20.90 19.78
CA GLY A 93 -10.76 -20.19 20.92
C GLY A 93 -12.27 -20.05 20.85
N LEU A 94 -12.81 -19.88 19.65
CA LEU A 94 -14.27 -19.77 19.50
C LEU A 94 -14.97 -21.08 19.86
N GLN A 95 -14.36 -22.21 19.50
CA GLN A 95 -14.93 -23.51 19.88
C GLN A 95 -14.94 -23.68 21.39
N GLU A 96 -13.84 -23.30 22.06
CA GLU A 96 -13.81 -23.36 23.52
C GLU A 96 -14.81 -22.38 24.13
N LEU A 97 -14.94 -21.19 23.54
CA LEU A 97 -15.91 -20.21 24.03
C LEU A 97 -17.34 -20.70 23.83
N GLU A 98 -17.61 -21.47 22.77
CA GLU A 98 -18.95 -21.98 22.53
C GLU A 98 -19.40 -22.89 23.67
N VAL A 99 -18.53 -23.78 24.13
CA VAL A 99 -18.87 -24.67 25.24
C VAL A 99 -19.01 -23.87 26.54
N SER A 100 -18.16 -22.86 26.73
CA SER A 100 -18.22 -22.05 27.94
C SER A 100 -19.53 -21.30 28.04
N LEU A 101 -20.03 -20.77 26.92
CA LEU A 101 -21.31 -20.07 26.93
C LEU A 101 -22.48 -21.06 27.02
N SER A 102 -22.30 -22.28 26.53
CA SER A 102 -23.33 -23.30 26.67
C SER A 102 -23.55 -23.67 28.12
N ARG A 103 -22.46 -23.77 28.90
CA ARG A 103 -22.59 -24.11 30.31
C ARG A 103 -23.39 -23.07 31.08
N LYS A 104 -23.35 -21.82 30.64
CA LYS A 104 -24.15 -20.75 31.22
C LYS A 104 -25.47 -20.55 30.51
N LYS A 105 -25.90 -21.52 29.70
CA LYS A 105 -27.17 -21.50 28.98
C LYS A 105 -27.25 -20.34 27.97
N ILE A 106 -26.11 -19.85 27.50
CA ILE A 106 -26.06 -18.75 26.55
C ILE A 106 -25.74 -19.33 25.17
N PRO A 107 -26.69 -19.36 24.24
CA PRO A 107 -26.40 -19.91 22.91
C PRO A 107 -25.67 -18.90 22.03
N SER A 108 -24.75 -19.41 21.22
CA SER A 108 -23.93 -18.59 20.34
C SER A 108 -24.20 -18.96 18.89
N PHE A 109 -24.43 -17.97 18.06
CA PHE A 109 -24.70 -18.15 16.64
C PHE A 109 -23.53 -17.60 15.84
N PHE A 110 -23.06 -18.38 14.86
CA PHE A 110 -21.92 -18.00 14.03
C PHE A 110 -22.40 -17.82 12.60
N LEU A 111 -22.39 -16.59 12.13
CA LEU A 111 -22.79 -16.26 10.77
C LEU A 111 -21.56 -16.12 9.88
N ARG A 112 -21.81 -16.10 8.57
CA ARG A 112 -20.76 -15.95 7.57
C ARG A 112 -21.22 -14.97 6.51
N GLY A 113 -20.45 -13.90 6.31
CA GLY A 113 -20.76 -12.92 5.30
C GLY A 113 -20.47 -11.52 5.81
N ASP A 114 -21.07 -10.54 5.13
CA ASP A 114 -20.89 -9.15 5.50
C ASP A 114 -21.68 -8.83 6.76
N PRO A 115 -21.05 -8.35 7.83
CA PRO A 115 -21.80 -8.09 9.07
C PRO A 115 -22.91 -7.06 8.91
N GLY A 116 -22.74 -6.08 8.03
CA GLY A 116 -23.80 -5.10 7.81
C GLY A 116 -25.07 -5.72 7.25
N GLU A 117 -24.93 -6.84 6.55
CA GLU A 117 -26.07 -7.56 5.98
C GLU A 117 -26.53 -8.72 6.85
N LYS A 118 -25.60 -9.46 7.46
CA LYS A 118 -25.98 -10.63 8.25
C LYS A 118 -26.56 -10.26 9.60
N ILE A 119 -26.00 -9.23 10.26
CA ILE A 119 -26.51 -8.83 11.56
C ILE A 119 -27.91 -8.23 11.45
N SER A 120 -28.15 -7.48 10.37
CA SER A 120 -29.47 -6.90 10.16
C SER A 120 -30.50 -7.97 9.83
N ARG A 121 -30.10 -9.01 9.08
CA ARG A 121 -31.02 -10.11 8.81
C ARG A 121 -31.26 -10.94 10.07
N PHE A 122 -30.22 -11.12 10.88
CA PHE A 122 -30.38 -11.89 12.12
C PHE A 122 -31.26 -11.15 13.12
N VAL A 123 -31.19 -9.83 13.16
CA VAL A 123 -31.97 -9.07 14.13
C VAL A 123 -33.46 -9.14 13.81
N LYS A 124 -33.82 -9.28 12.53
CA LYS A 124 -35.23 -9.35 12.16
C LYS A 124 -35.76 -10.78 12.24
N ASP A 125 -34.99 -11.75 11.74
CA ASP A 125 -35.42 -13.13 11.78
C ASP A 125 -35.55 -13.66 13.21
N TYR A 126 -34.71 -13.17 14.13
CA TYR A 126 -34.75 -13.59 15.52
C TYR A 126 -35.62 -12.70 16.39
N ASN A 127 -36.17 -11.61 15.83
CA ASN A 127 -37.03 -10.69 16.56
C ASN A 127 -36.34 -10.14 17.81
N ALA A 128 -35.10 -9.67 17.64
CA ALA A 128 -34.32 -9.17 18.75
C ALA A 128 -34.90 -7.86 19.28
N GLY A 129 -34.63 -7.59 20.56
CA GLY A 129 -35.15 -6.41 21.21
C GLY A 129 -34.11 -5.33 21.47
N THR A 130 -32.86 -5.73 21.67
CA THR A 130 -31.78 -4.78 21.93
C THR A 130 -30.49 -5.35 21.36
N LEU A 131 -29.71 -4.48 20.70
CA LEU A 131 -28.45 -4.86 20.08
C LEU A 131 -27.30 -4.21 20.81
N VAL A 132 -26.30 -5.02 21.17
CA VAL A 132 -25.10 -4.54 21.88
C VAL A 132 -23.87 -5.12 21.19
N THR A 133 -22.84 -4.29 21.02
CA THR A 133 -21.57 -4.72 20.47
C THR A 133 -20.43 -4.11 21.29
N ASP A 134 -19.26 -4.74 21.18
CA ASP A 134 -18.06 -4.21 21.82
C ASP A 134 -17.40 -3.16 20.92
N PHE A 135 -16.45 -2.44 21.50
CA PHE A 135 -15.87 -1.26 20.86
C PHE A 135 -14.55 -1.61 20.18
N SER A 136 -14.34 -1.03 18.99
CA SER A 136 -13.10 -1.15 18.25
C SER A 136 -12.93 0.12 17.42
N PRO A 137 -11.79 0.79 17.51
CA PRO A 137 -11.60 2.03 16.73
C PRO A 137 -11.22 1.82 15.28
N LEU A 138 -11.21 0.57 14.79
CA LEU A 138 -10.83 0.32 13.41
C LEU A 138 -11.89 0.84 12.45
N ARG A 139 -11.43 1.21 11.25
CA ARG A 139 -12.32 1.82 10.26
C ARG A 139 -13.43 0.85 9.83
N ILE A 140 -13.09 -0.41 9.61
CA ILE A 140 -14.07 -1.36 9.09
C ILE A 140 -15.16 -1.65 10.12
N LYS A 141 -14.84 -1.56 11.41
CA LYS A 141 -15.88 -1.74 12.42
C LYS A 141 -16.88 -0.61 12.41
N ASN A 142 -16.43 0.62 12.10
CA ASN A 142 -17.36 1.74 12.02
C ASN A 142 -18.26 1.65 10.80
N GLN A 143 -17.76 1.10 9.69
CA GLN A 143 -18.59 0.96 8.49
C GLN A 143 -19.72 -0.04 8.71
N TRP A 144 -19.42 -1.14 9.40
CA TRP A 144 -20.47 -2.13 9.70
C TRP A 144 -21.54 -1.55 10.62
N ILE A 145 -21.12 -0.76 11.61
CA ILE A 145 -22.07 -0.19 12.57
C ILE A 145 -23.05 0.74 11.86
N GLU A 146 -22.55 1.57 10.94
CA GLU A 146 -23.42 2.47 10.20
C GLU A 146 -24.40 1.68 9.33
N LYS A 147 -23.93 0.59 8.71
CA LYS A 147 -24.82 -0.22 7.89
C LYS A 147 -25.89 -0.92 8.72
N VAL A 148 -25.53 -1.36 9.93
CA VAL A 148 -26.50 -2.00 10.80
C VAL A 148 -27.52 -0.98 11.31
N ILE A 149 -27.05 0.22 11.64
CA ILE A 149 -27.96 1.26 12.14
C ILE A 149 -29.04 1.55 11.11
N SER A 150 -28.68 1.57 9.83
CA SER A 150 -29.64 1.84 8.77
CA SER A 150 -29.63 1.84 8.75
C SER A 150 -30.53 0.63 8.46
N GLY A 151 -30.26 -0.52 9.06
CA GLY A 151 -31.05 -1.70 8.77
C GLY A 151 -31.84 -2.25 9.96
N ILE A 152 -31.79 -1.58 11.10
CA ILE A 152 -32.47 -2.04 12.30
C ILE A 152 -33.32 -0.91 12.86
N SER A 153 -34.32 -1.30 13.66
CA SER A 153 -35.21 -0.34 14.31
C SER A 153 -35.20 -0.46 15.83
N ILE A 154 -34.38 -1.32 16.40
CA ILE A 154 -34.32 -1.51 17.85
C ILE A 154 -33.14 -0.71 18.38
N PRO A 155 -33.07 -0.44 19.69
CA PRO A 155 -31.90 0.28 20.22
C PRO A 155 -30.61 -0.47 19.98
N PHE A 156 -29.53 0.29 19.77
CA PHE A 156 -28.21 -0.24 19.47
C PHE A 156 -27.20 0.41 20.41
N PHE A 157 -26.62 -0.38 21.30
CA PHE A 157 -25.66 0.11 22.28
C PHE A 157 -24.26 -0.39 21.94
N GLU A 158 -23.27 0.25 22.57
CA GLU A 158 -21.87 -0.05 22.32
C GLU A 158 -21.12 0.04 23.64
N VAL A 159 -20.43 -1.05 24.02
CA VAL A 159 -19.74 -1.16 25.29
C VAL A 159 -18.25 -1.32 25.04
N ASP A 160 -17.45 -0.54 25.75
CA ASP A 160 -15.99 -0.67 25.68
C ASP A 160 -15.57 -1.76 26.65
N ALA A 161 -15.22 -2.93 26.10
CA ALA A 161 -14.76 -4.06 26.91
C ALA A 161 -13.27 -4.30 26.78
N HIS A 162 -12.56 -3.51 25.98
CA HIS A 162 -11.14 -3.72 25.72
C HIS A 162 -10.23 -2.81 26.53
N ASN A 163 -10.70 -1.62 26.90
CA ASN A 163 -9.92 -0.69 27.70
C ASN A 163 -10.43 -0.65 29.13
N VAL A 164 -9.51 -0.40 30.06
CA VAL A 164 -9.90 -0.24 31.46
C VAL A 164 -10.74 1.02 31.64
N VAL A 165 -10.29 2.12 31.07
CA VAL A 165 -11.04 3.38 31.03
C VAL A 165 -11.61 3.54 29.63
N PRO A 166 -12.92 3.76 29.48
CA PRO A 166 -13.51 3.81 28.14
C PRO A 166 -12.82 4.85 27.25
N CYS A 167 -12.63 4.48 25.98
CA CYS A 167 -11.78 5.27 25.10
C CYS A 167 -12.33 6.67 24.90
N TRP A 168 -13.66 6.80 24.80
CA TRP A 168 -14.26 8.12 24.66
C TRP A 168 -14.22 8.92 25.98
N GLU A 169 -13.97 8.24 27.10
CA GLU A 169 -13.93 8.90 28.41
C GLU A 169 -12.52 9.37 28.78
N ALA A 170 -11.50 8.58 28.41
CA ALA A 170 -10.13 8.91 28.81
C ALA A 170 -9.67 10.24 28.22
N SER A 171 -10.12 10.56 27.02
CA SER A 171 -9.72 11.81 26.38
C SER A 171 -10.72 12.13 25.27
N GLN A 172 -10.85 13.42 24.97
CA GLN A 172 -11.74 13.89 23.91
C GLN A 172 -10.97 14.35 22.68
N LYS A 173 -9.70 13.99 22.56
CA LYS A 173 -8.88 14.47 21.45
C LYS A 173 -7.69 13.53 21.27
N HIS A 174 -7.03 13.67 20.12
CA HIS A 174 -5.83 12.91 19.83
C HIS A 174 -4.70 13.35 20.76
N GLU A 175 -4.15 12.39 21.51
CA GLU A 175 -3.11 12.70 22.49
C GLU A 175 -1.74 12.71 21.80
N TYR A 176 -1.01 13.81 21.97
CA TYR A 176 0.25 13.98 21.27
C TYR A 176 1.29 12.96 21.72
N ALA A 177 1.37 12.68 23.01
CA ALA A 177 2.39 11.79 23.53
C ALA A 177 1.88 11.14 24.81
N ALA A 178 2.71 10.25 25.37
CA ALA A 178 2.32 9.49 26.55
C ALA A 178 2.30 10.35 27.81
N HIS A 179 3.20 11.33 27.92
CA HIS A 179 3.27 12.13 29.14
C HIS A 179 2.10 13.09 29.27
N THR A 180 1.39 13.37 28.18
CA THR A 180 0.15 14.13 28.27
C THR A 180 -1.05 13.23 28.53
N PHE A 181 -1.00 11.98 28.07
CA PHE A 181 -2.09 11.04 28.27
C PHE A 181 -1.98 10.32 29.61
N ARG A 182 -0.77 10.20 30.16
CA ARG A 182 -0.59 9.47 31.41
C ARG A 182 -1.35 10.07 32.59
N PRO A 183 -1.27 11.38 32.88
CA PRO A 183 -2.04 11.90 34.02
C PRO A 183 -3.54 11.77 33.85
N LYS A 184 -4.04 11.86 32.61
CA LYS A 184 -5.48 11.72 32.39
C LYS A 184 -5.94 10.29 32.66
N LEU A 185 -5.13 9.30 32.26
CA LEU A 185 -5.53 7.91 32.46
C LEU A 185 -5.45 7.50 33.93
N TYR A 186 -4.36 7.87 34.61
CA TYR A 186 -4.16 7.42 35.98
C TYR A 186 -5.07 8.14 36.97
N ALA A 187 -5.64 9.29 36.58
CA ALA A 187 -6.60 9.95 37.47
C ALA A 187 -7.93 9.23 37.47
N LEU A 188 -8.28 8.56 36.37
CA LEU A 188 -9.54 7.84 36.26
C LEU A 188 -9.45 6.39 36.72
N LEU A 189 -8.26 5.90 37.06
CA LEU A 189 -8.11 4.54 37.53
C LEU A 189 -8.94 4.22 38.78
N PRO A 190 -8.96 5.07 39.82
CA PRO A 190 -9.77 4.72 41.01
C PRO A 190 -11.25 4.56 40.72
N GLU A 191 -11.76 5.16 39.64
CA GLU A 191 -13.15 4.98 39.25
C GLU A 191 -13.35 3.78 38.34
N PHE A 192 -12.47 3.59 37.35
CA PHE A 192 -12.70 2.60 36.31
C PHE A 192 -11.93 1.30 36.50
N LEU A 193 -11.03 1.24 37.49
CA LEU A 193 -10.40 -0.03 37.84
C LEU A 193 -11.20 -0.65 38.98
N GLU A 194 -11.80 -1.80 38.70
CA GLU A 194 -12.69 -2.47 39.65
C GLU A 194 -12.75 -3.95 39.29
N GLU A 195 -13.35 -4.72 40.18
CA GLU A 195 -13.54 -6.14 39.92
C GLU A 195 -14.75 -6.34 38.99
N PHE A 196 -14.80 -7.53 38.40
CA PHE A 196 -15.87 -7.90 37.48
C PHE A 196 -16.93 -8.72 38.19
N PRO A 197 -18.22 -8.45 37.96
CA PRO A 197 -19.26 -9.33 38.47
C PRO A 197 -19.35 -10.62 37.66
N GLU A 198 -19.82 -11.68 38.32
CA GLU A 198 -19.96 -12.96 37.66
CA GLU A 198 -19.97 -12.97 37.67
C GLU A 198 -21.03 -12.90 36.57
N LEU A 199 -20.76 -13.59 35.46
CA LEU A 199 -21.74 -13.69 34.38
C LEU A 199 -22.88 -14.61 34.82
N GLU A 200 -24.07 -14.03 35.00
CA GLU A 200 -25.20 -14.84 35.44
C GLU A 200 -25.75 -15.66 34.28
N PRO A 201 -26.08 -16.94 34.51
CA PRO A 201 -26.65 -17.76 33.44
C PRO A 201 -28.07 -17.33 33.09
N ASN A 202 -28.50 -17.78 31.91
CA ASN A 202 -29.83 -17.47 31.43
C ASN A 202 -30.89 -18.28 32.17
N SER A 203 -32.06 -17.67 32.35
CA SER A 203 -33.20 -18.36 32.93
C SER A 203 -34.11 -18.94 31.85
N VAL A 204 -34.36 -18.17 30.79
CA VAL A 204 -35.06 -18.65 29.60
C VAL A 204 -34.04 -19.15 28.58
N THR A 205 -34.40 -20.18 27.84
CA THR A 205 -33.45 -20.71 26.87
C THR A 205 -33.47 -20.04 25.50
N PRO A 206 -34.64 -19.94 24.83
CA PRO A 206 -34.49 -19.60 23.42
C PRO A 206 -34.68 -18.13 23.12
N GLU A 216 -23.86 -21.92 12.29
CA GLU A 216 -23.12 -22.87 11.47
C GLU A 216 -22.06 -23.60 12.30
N THR A 217 -21.71 -24.80 11.88
CA THR A 217 -20.72 -25.60 12.61
C THR A 217 -19.33 -24.99 12.44
N LEU A 218 -18.66 -24.74 13.57
CA LEU A 218 -17.34 -24.14 13.52
C LEU A 218 -16.29 -25.09 12.96
N SER A 219 -16.50 -26.40 13.09
CA SER A 219 -15.57 -27.37 12.53
C SER A 219 -15.55 -27.32 11.01
N ASP A 220 -16.71 -27.06 10.38
CA ASP A 220 -16.76 -26.96 8.93
C ASP A 220 -16.11 -25.68 8.44
N VAL A 221 -16.34 -24.56 9.14
CA VAL A 221 -15.73 -23.30 8.75
C VAL A 221 -14.22 -23.31 8.99
N LEU A 222 -13.73 -24.13 9.92
CA LEU A 222 -12.29 -24.30 10.08
C LEU A 222 -11.68 -25.05 8.90
N GLU A 223 -12.29 -26.17 8.50
CA GLU A 223 -11.76 -26.92 7.37
C GLU A 223 -11.87 -26.12 6.08
N THR A 224 -12.99 -25.42 5.88
CA THR A 224 -13.18 -24.64 4.67
C THR A 224 -12.18 -23.49 4.58
N GLY A 225 -11.96 -22.77 5.68
CA GLY A 225 -11.02 -21.68 5.67
C GLY A 225 -9.58 -22.14 5.49
N VAL A 226 -9.21 -23.24 6.15
CA VAL A 226 -7.83 -23.73 6.06
C VAL A 226 -7.48 -24.10 4.62
N LYS A 227 -8.39 -24.79 3.94
CA LYS A 227 -8.15 -25.16 2.54
C LYS A 227 -7.98 -23.92 1.67
N ALA A 228 -8.75 -22.86 1.95
CA ALA A 228 -8.63 -21.64 1.17
C ALA A 228 -7.26 -20.99 1.33
N LEU A 229 -6.76 -20.95 2.57
CA LEU A 229 -5.50 -20.28 2.86
C LEU A 229 -4.27 -21.16 2.65
N LEU A 230 -4.47 -22.43 2.30
CA LEU A 230 -3.34 -23.34 2.13
C LEU A 230 -2.35 -22.89 1.06
N PRO A 231 -2.76 -22.46 -0.13
CA PRO A 231 -1.76 -22.03 -1.12
C PRO A 231 -0.92 -20.83 -0.70
N GLU A 232 -1.43 -20.00 0.21
CA GLU A 232 -0.71 -18.81 0.68
C GLU A 232 0.16 -19.09 1.90
N ARG A 233 0.40 -20.36 2.21
CA ARG A 233 1.15 -20.71 3.41
C ARG A 233 2.63 -20.39 3.25
N ALA A 234 3.25 -19.89 4.33
CA ALA A 234 4.67 -19.62 4.33
C ALA A 234 5.44 -20.92 4.49
N LEU A 235 6.26 -21.25 3.49
CA LEU A 235 6.96 -22.52 3.44
C LEU A 235 8.46 -22.29 3.36
N LEU A 236 9.22 -23.29 3.82
CA LEU A 236 10.67 -23.30 3.71
C LEU A 236 11.08 -23.81 2.34
N LYS A 237 12.38 -24.09 2.17
CA LYS A 237 12.87 -24.59 0.88
C LYS A 237 12.29 -25.95 0.54
N ASN A 238 12.16 -26.84 1.53
CA ASN A 238 11.68 -28.19 1.32
C ASN A 238 10.17 -28.32 1.52
N LYS A 239 9.42 -27.27 1.24
CA LYS A 239 7.96 -27.25 1.37
C LYS A 239 7.49 -27.51 2.79
N ASP A 240 8.34 -27.27 3.78
CA ASP A 240 7.86 -27.43 5.14
C ASP A 240 7.35 -26.10 5.68
N PRO A 241 6.22 -26.11 6.38
CA PRO A 241 5.65 -24.85 6.89
C PRO A 241 6.58 -24.19 7.90
N LEU A 242 6.64 -22.86 7.81
CA LEU A 242 7.50 -22.10 8.72
C LEU A 242 6.89 -21.98 10.11
N PHE A 243 5.57 -21.91 10.21
CA PHE A 243 4.92 -21.60 11.48
C PHE A 243 5.03 -22.78 12.45
N GLU A 244 5.40 -22.46 13.70
CA GLU A 244 5.43 -23.44 14.77
C GLU A 244 4.25 -23.18 15.69
N PRO A 245 3.20 -24.00 15.64
CA PRO A 245 1.95 -23.69 16.37
C PRO A 245 1.92 -24.09 17.83
N TRP A 246 3.04 -24.52 18.41
CA TRP A 246 3.04 -24.99 19.79
C TRP A 246 3.47 -23.92 20.79
N HIS A 247 3.90 -22.75 20.33
CA HIS A 247 4.42 -21.75 21.25
C HIS A 247 3.32 -21.08 22.07
N PHE A 248 2.12 -20.94 21.49
CA PHE A 248 0.99 -20.34 22.19
C PHE A 248 -0.25 -21.19 21.94
N GLU A 249 -0.79 -21.75 23.02
CA GLU A 249 -2.05 -22.48 22.93
C GLU A 249 -3.21 -21.49 23.00
N PRO A 250 -4.10 -21.45 22.01
CA PRO A 250 -5.19 -20.47 22.04
C PRO A 250 -6.26 -20.84 23.05
N GLY A 251 -6.99 -19.83 23.50
CA GLY A 251 -8.14 -20.06 24.35
C GLY A 251 -8.21 -19.25 25.63
N GLU A 252 -9.42 -19.11 26.18
CA GLU A 252 -9.61 -18.36 27.41
C GLU A 252 -8.85 -18.99 28.58
N LYS A 253 -8.98 -20.31 28.75
CA LYS A 253 -8.28 -21.00 29.83
CA LYS A 253 -8.27 -20.98 29.84
C LYS A 253 -6.76 -20.93 29.65
N ALA A 254 -6.30 -21.10 28.41
CA ALA A 254 -4.86 -21.05 28.16
C ALA A 254 -4.31 -19.64 28.34
N ALA A 255 -5.16 -18.62 28.16
CA ALA A 255 -4.72 -17.25 28.39
C ALA A 255 -4.48 -16.99 29.87
N LYS A 256 -5.34 -17.53 30.74
CA LYS A 256 -5.18 -17.32 32.17
C LYS A 256 -3.90 -17.96 32.68
N LYS A 257 -3.53 -19.13 32.14
CA LYS A 257 -2.30 -19.79 32.55
C LYS A 257 -1.09 -18.92 32.24
N VAL A 258 -1.09 -18.27 31.07
CA VAL A 258 0.03 -17.42 30.68
C VAL A 258 0.16 -16.23 31.62
N MET A 259 -0.95 -15.58 31.96
CA MET A 259 -0.92 -14.48 32.90
C MET A 259 -0.44 -14.92 34.28
N GLU A 260 -0.89 -16.09 34.74
CA GLU A 260 -0.45 -16.60 36.04
C GLU A 260 1.06 -16.85 36.04
N SER A 261 1.58 -17.48 34.99
CA SER A 261 3.01 -17.75 34.93
C SER A 261 3.83 -16.47 34.77
N PHE A 262 3.26 -15.44 34.14
CA PHE A 262 3.96 -14.17 34.02
C PHE A 262 4.14 -13.52 35.39
N ILE A 263 3.07 -13.48 36.19
CA ILE A 263 3.15 -12.89 37.52
C ILE A 263 4.10 -13.70 38.41
N ALA A 264 4.00 -15.02 38.34
CA ALA A 264 4.77 -15.86 39.24
C ALA A 264 6.26 -15.88 38.89
N ASP A 265 6.59 -15.97 37.60
CA ASP A 265 7.97 -16.23 37.18
C ASP A 265 8.66 -15.05 36.52
N ARG A 266 7.92 -14.18 35.82
CA ARG A 266 8.55 -13.20 34.94
C ARG A 266 8.32 -11.74 35.33
N LEU A 267 7.27 -11.43 36.09
CA LEU A 267 6.97 -10.04 36.40
C LEU A 267 8.06 -9.39 37.25
N ASP A 268 8.82 -10.19 38.01
CA ASP A 268 9.87 -9.61 38.86
C ASP A 268 11.02 -9.07 38.02
N SER A 269 11.39 -9.77 36.94
CA SER A 269 12.52 -9.38 36.11
C SER A 269 12.09 -8.63 34.85
N TYR A 270 10.80 -8.28 34.73
CA TYR A 270 10.33 -7.60 33.53
C TYR A 270 10.98 -6.24 33.35
N GLY A 271 11.11 -5.48 34.45
CA GLY A 271 11.63 -4.12 34.34
C GLY A 271 13.07 -4.07 33.84
N ALA A 272 13.86 -5.09 34.18
CA ALA A 272 15.27 -5.11 33.80
C ALA A 272 15.52 -5.79 32.46
N LEU A 273 14.66 -6.73 32.06
CA LEU A 273 14.94 -7.57 30.91
C LEU A 273 13.90 -7.43 29.78
N ARG A 274 13.04 -6.42 29.84
CA ARG A 274 12.01 -6.27 28.81
C ARG A 274 12.62 -5.98 27.45
N ASN A 275 13.75 -5.30 27.40
CA ASN A 275 14.40 -4.94 26.15
C ASN A 275 15.53 -5.90 25.78
N ASP A 276 15.49 -7.11 26.28
CA ASP A 276 16.46 -8.16 25.94
C ASP A 276 15.73 -9.28 25.23
N PRO A 277 15.81 -9.36 23.90
CA PRO A 277 15.08 -10.42 23.18
C PRO A 277 15.66 -11.81 23.37
N THR A 278 16.85 -11.94 23.95
CA THR A 278 17.42 -13.25 24.22
C THR A 278 16.75 -13.94 25.39
N LYS A 279 16.05 -13.20 26.25
CA LYS A 279 15.34 -13.75 27.39
C LYS A 279 13.84 -13.67 27.14
N ASN A 280 13.11 -14.75 27.43
CA ASN A 280 11.66 -14.75 27.30
C ASN A 280 11.04 -14.19 28.59
N MET A 281 11.25 -12.88 28.78
CA MET A 281 10.81 -12.18 29.97
C MET A 281 9.62 -11.26 29.70
N LEU A 282 8.97 -11.42 28.55
CA LEU A 282 7.72 -10.71 28.29
C LEU A 282 6.54 -11.52 28.82
N SER A 283 5.35 -10.92 28.75
CA SER A 283 4.15 -11.59 29.23
C SER A 283 3.52 -12.50 28.19
N ASN A 284 3.87 -12.34 26.91
CA ASN A 284 3.34 -13.15 25.81
C ASN A 284 1.82 -13.07 25.71
N LEU A 285 1.21 -12.03 26.28
CA LEU A 285 -0.24 -11.94 26.34
C LEU A 285 -0.86 -11.27 25.13
N SER A 286 -0.04 -10.69 24.24
CA SER A 286 -0.59 -9.96 23.09
C SER A 286 -1.48 -10.79 22.18
N PRO A 287 -1.16 -12.04 21.83
CA PRO A 287 -2.11 -12.81 21.00
C PRO A 287 -3.47 -12.96 21.65
N TYR A 288 -3.50 -13.20 22.97
CA TYR A 288 -4.78 -13.33 23.67
C TYR A 288 -5.47 -11.98 23.82
N LEU A 289 -4.69 -10.91 24.08
CA LEU A 289 -5.28 -9.60 24.25
C LEU A 289 -5.93 -9.11 22.95
N HIS A 290 -5.28 -9.34 21.82
CA HIS A 290 -5.82 -8.86 20.54
C HIS A 290 -7.16 -9.49 20.23
N PHE A 291 -7.24 -10.82 20.27
CA PHE A 291 -8.50 -11.52 20.04
C PHE A 291 -9.47 -11.36 21.19
N GLY A 292 -9.06 -10.74 22.29
CA GLY A 292 -9.92 -10.54 23.43
C GLY A 292 -10.10 -11.74 24.32
N GLN A 293 -9.28 -12.77 24.15
CA GLN A 293 -9.41 -13.98 24.96
C GLN A 293 -9.03 -13.76 26.42
N ILE A 294 -8.44 -12.61 26.76
CA ILE A 294 -8.24 -12.20 28.14
C ILE A 294 -8.42 -10.69 28.22
N SER A 295 -8.94 -10.22 29.35
CA SER A 295 -9.22 -8.80 29.54
C SER A 295 -8.00 -8.10 30.14
N SER A 296 -7.63 -6.96 29.56
CA SER A 296 -6.50 -6.20 30.08
C SER A 296 -6.79 -5.65 31.47
N GLN A 297 -8.07 -5.43 31.79
CA GLN A 297 -8.42 -5.00 33.15
C GLN A 297 -8.14 -6.11 34.16
N ARG A 298 -8.43 -7.36 33.80
CA ARG A 298 -8.15 -8.48 34.70
C ARG A 298 -6.66 -8.57 35.01
N VAL A 299 -5.81 -8.43 33.98
CA VAL A 299 -4.37 -8.52 34.20
C VAL A 299 -3.90 -7.40 35.12
N VAL A 300 -4.36 -6.17 34.85
CA VAL A 300 -3.99 -5.04 35.70
C VAL A 300 -4.47 -5.26 37.13
N LEU A 301 -5.67 -5.83 37.30
CA LEU A 301 -6.16 -6.15 38.63
C LEU A 301 -5.19 -7.05 39.38
N GLU A 302 -4.76 -8.14 38.73
CA GLU A 302 -3.86 -9.09 39.38
C GLU A 302 -2.45 -8.51 39.54
N VAL A 303 -2.00 -7.71 38.59
CA VAL A 303 -0.67 -7.11 38.67
C VAL A 303 -0.61 -6.12 39.83
N GLU A 304 -1.69 -5.35 40.04
CA GLU A 304 -1.72 -4.39 41.13
C GLU A 304 -1.59 -5.07 42.48
N LYS A 305 -2.27 -6.20 42.68
CA LYS A 305 -2.23 -6.91 43.94
C LYS A 305 -0.94 -7.70 44.14
N ALA A 306 -0.20 -7.98 43.06
CA ALA A 306 1.00 -8.80 43.17
C ALA A 306 2.12 -8.04 43.88
N GLU A 307 2.78 -8.70 44.83
CA GLU A 307 3.92 -8.14 45.53
C GLU A 307 5.18 -8.50 44.75
N SER A 308 5.68 -7.55 43.96
CA SER A 308 6.84 -7.80 43.11
C SER A 308 7.71 -6.54 43.11
N ASN A 309 8.66 -6.50 42.19
CA ASN A 309 9.56 -5.36 42.06
C ASN A 309 8.75 -4.11 41.73
N PRO A 310 8.84 -3.06 42.53
CA PRO A 310 8.06 -1.84 42.21
C PRO A 310 8.41 -1.23 40.87
N GLY A 311 9.67 -1.30 40.45
CA GLY A 311 10.04 -0.78 39.15
C GLY A 311 9.43 -1.56 38.00
N SER A 312 9.32 -2.87 38.15
CA SER A 312 8.80 -3.71 37.07
C SER A 312 7.29 -3.55 36.92
N LYS A 313 6.57 -3.44 38.04
CA LYS A 313 5.13 -3.23 37.97
C LYS A 313 4.82 -1.91 37.26
N LYS A 314 5.54 -0.85 37.62
CA LYS A 314 5.33 0.45 36.98
C LYS A 314 5.65 0.38 35.49
N ALA A 315 6.73 -0.30 35.13
CA ALA A 315 7.09 -0.45 33.73
C ALA A 315 6.05 -1.26 32.97
N PHE A 316 5.56 -2.35 33.56
CA PHE A 316 4.56 -3.18 32.88
C PHE A 316 3.22 -2.45 32.79
N LEU A 317 2.78 -1.86 33.91
CA LEU A 317 1.51 -1.13 33.88
C LEU A 317 1.54 0.00 32.87
N ASP A 318 2.70 0.61 32.66
CA ASP A 318 2.82 1.65 31.64
C ASP A 318 2.58 1.11 30.24
N GLU A 319 2.96 -0.14 29.99
CA GLU A 319 2.81 -0.70 28.64
C GLU A 319 1.37 -1.13 28.37
N ILE A 320 0.74 -1.83 29.30
CA ILE A 320 -0.59 -2.39 29.06
C ILE A 320 -1.70 -1.38 29.33
N LEU A 321 -1.41 -0.29 30.06
CA LEU A 321 -2.41 0.75 30.31
C LEU A 321 -2.20 1.96 29.43
N ILE A 322 -1.01 2.57 29.50
CA ILE A 322 -0.77 3.82 28.78
C ILE A 322 -0.60 3.56 27.29
N TRP A 323 0.37 2.71 26.94
CA TRP A 323 0.70 2.55 25.52
C TRP A 323 -0.33 1.69 24.78
N LYS A 324 -1.01 0.78 25.47
CA LYS A 324 -2.06 0.02 24.82
C LYS A 324 -3.28 0.89 24.52
N GLU A 325 -3.73 1.65 25.50
CA GLU A 325 -4.97 2.42 25.35
C GLU A 325 -4.76 3.75 24.62
N ILE A 326 -3.51 4.22 24.49
CA ILE A 326 -3.26 5.36 23.62
C ILE A 326 -3.21 4.93 22.15
N SER A 327 -3.00 3.65 21.88
CA SER A 327 -3.16 3.14 20.52
C SER A 327 -4.62 3.17 20.09
N ASP A 328 -5.52 2.81 21.00
CA ASP A 328 -6.95 2.99 20.74
C ASP A 328 -7.28 4.46 20.54
N ASN A 329 -6.71 5.33 21.39
CA ASN A 329 -6.92 6.77 21.25
C ASN A 329 -6.42 7.26 19.90
N PHE A 330 -5.26 6.76 19.46
CA PHE A 330 -4.72 7.16 18.16
C PHE A 330 -5.64 6.77 17.02
N CYS A 331 -6.14 5.53 17.02
CA CYS A 331 -6.99 5.06 15.92
C CYS A 331 -8.40 5.62 15.99
N TYR A 332 -8.89 5.93 17.20
CA TYR A 332 -10.27 6.40 17.32
C TYR A 332 -10.43 7.83 16.85
N TYR A 333 -9.42 8.69 17.02
CA TYR A 333 -9.51 10.08 16.63
C TYR A 333 -8.81 10.37 15.31
N ASN A 334 -8.09 9.41 14.74
CA ASN A 334 -7.41 9.57 13.46
C ASN A 334 -7.81 8.45 12.53
N PRO A 335 -8.80 8.67 11.65
CA PRO A 335 -9.21 7.60 10.73
C PRO A 335 -8.19 7.28 9.66
N GLY A 336 -7.17 8.10 9.49
CA GLY A 336 -6.07 7.79 8.61
C GLY A 336 -4.86 7.29 9.39
N TYR A 337 -5.12 6.50 10.42
CA TYR A 337 -4.04 6.06 11.33
C TYR A 337 -2.99 5.25 10.60
N ASP A 338 -3.34 4.60 9.49
CA ASP A 338 -2.43 3.76 8.73
C ASP A 338 -1.87 4.47 7.51
N GLY A 339 -1.73 5.79 7.57
CA GLY A 339 -1.27 6.55 6.43
C GLY A 339 -0.28 7.62 6.83
N PHE A 340 0.44 8.11 5.82
CA PHE A 340 1.43 9.17 6.02
C PHE A 340 0.81 10.46 6.52
N GLU A 341 -0.48 10.68 6.25
CA GLU A 341 -1.15 11.89 6.70
C GLU A 341 -1.25 11.97 8.23
N SER A 342 -1.24 10.82 8.90
CA SER A 342 -1.37 10.79 10.35
C SER A 342 -0.10 11.19 11.08
N PHE A 343 1.02 11.31 10.38
CA PHE A 343 2.27 11.67 11.01
C PHE A 343 2.25 13.14 11.45
N PRO A 344 2.96 13.47 12.54
CA PRO A 344 3.02 14.88 12.97
C PRO A 344 3.68 15.75 11.92
N SER A 345 3.43 17.06 12.02
CA SER A 345 3.89 17.99 11.01
C SER A 345 5.40 17.99 10.87
N TRP A 346 6.12 17.97 12.00
CA TRP A 346 7.58 17.99 11.94
C TRP A 346 8.12 16.75 11.24
N ALA A 347 7.51 15.60 11.48
CA ALA A 347 7.98 14.37 10.84
C ALA A 347 7.63 14.34 9.37
N LYS A 348 6.45 14.86 9.00
CA LYS A 348 6.09 14.92 7.59
C LYS A 348 7.01 15.85 6.83
N GLU A 349 7.33 17.02 7.41
CA GLU A 349 8.27 17.92 6.76
C GLU A 349 9.68 17.33 6.71
N SER A 350 10.05 16.58 7.75
CA SER A 350 11.39 15.99 7.77
C SER A 350 11.50 14.84 6.78
N LEU A 351 10.49 13.96 6.74
CA LEU A 351 10.54 12.84 5.80
C LEU A 351 10.42 13.31 4.35
N ASN A 352 9.66 14.38 4.10
CA ASN A 352 9.52 14.88 2.74
C ASN A 352 10.83 15.46 2.22
N ALA A 353 11.59 16.13 3.09
CA ALA A 353 12.84 16.75 2.66
C ALA A 353 13.86 15.70 2.23
N HIS A 354 13.80 14.50 2.79
CA HIS A 354 14.79 13.46 2.52
C HIS A 354 14.29 12.44 1.50
N ARG A 355 13.24 12.76 0.76
CA ARG A 355 12.70 11.80 -0.20
C ARG A 355 13.68 11.51 -1.32
N ASN A 356 14.59 12.45 -1.62
CA ASN A 356 15.55 12.30 -2.69
C ASN A 356 16.90 11.78 -2.22
N ASP A 357 17.06 11.49 -0.93
CA ASP A 357 18.31 10.92 -0.45
C ASP A 357 18.53 9.55 -1.05
N VAL A 358 19.80 9.24 -1.35
CA VAL A 358 20.13 7.93 -1.89
C VAL A 358 20.16 6.92 -0.75
N ARG A 359 19.38 5.85 -0.90
CA ARG A 359 19.32 4.82 0.12
C ARG A 359 20.51 3.86 -0.04
N SER A 360 21.14 3.53 1.09
CA SER A 360 22.24 2.58 1.05
C SER A 360 21.78 1.21 0.56
N HIS A 361 20.50 0.90 0.77
CA HIS A 361 19.92 -0.34 0.25
C HIS A 361 18.46 -0.09 -0.09
N ILE A 362 17.97 -0.80 -1.09
CA ILE A 362 16.55 -0.81 -1.45
C ILE A 362 16.13 -2.27 -1.59
N TYR A 363 15.16 -2.68 -0.77
CA TYR A 363 14.62 -4.03 -0.81
C TYR A 363 13.13 -3.96 -1.14
N THR A 364 12.66 -4.96 -1.89
CA THR A 364 11.25 -5.05 -2.22
C THR A 364 10.49 -5.73 -1.08
N LEU A 365 9.17 -5.79 -1.22
CA LEU A 365 8.34 -6.48 -0.23
C LEU A 365 8.70 -7.96 -0.16
N GLU A 366 8.96 -8.59 -1.32
CA GLU A 366 9.32 -9.99 -1.34
C GLU A 366 10.64 -10.25 -0.63
N GLU A 367 11.62 -9.38 -0.83
CA GLU A 367 12.93 -9.58 -0.21
C GLU A 367 12.86 -9.38 1.31
N PHE A 368 12.13 -8.37 1.77
CA PHE A 368 11.93 -8.20 3.20
C PHE A 368 11.23 -9.40 3.81
N GLU A 369 10.21 -9.92 3.12
CA GLU A 369 9.38 -10.98 3.68
C GLU A 369 10.15 -12.28 3.89
N ALA A 370 11.09 -12.59 3.00
CA ALA A 370 11.87 -13.80 3.11
C ALA A 370 13.13 -13.63 3.95
N GLY A 371 13.37 -12.44 4.50
CA GLY A 371 14.56 -12.19 5.29
C GLY A 371 15.84 -12.30 4.48
N LYS A 372 15.91 -11.60 3.36
CA LYS A 372 17.04 -11.65 2.45
C LYS A 372 17.82 -10.32 2.42
N THR A 373 17.87 -9.63 3.55
CA THR A 373 18.60 -8.37 3.63
C THR A 373 20.05 -8.62 4.07
N HIS A 374 20.85 -7.55 4.01
CA HIS A 374 22.25 -7.64 4.42
C HIS A 374 22.42 -7.72 5.92
N ASP A 375 21.39 -7.38 6.70
CA ASP A 375 21.52 -7.30 8.15
C ASP A 375 21.09 -8.63 8.75
N PRO A 376 22.00 -9.41 9.33
CA PRO A 376 21.57 -10.65 10.00
C PRO A 376 20.66 -10.40 11.18
N LEU A 377 20.81 -9.28 11.89
CA LEU A 377 19.91 -8.98 13.00
C LEU A 377 18.49 -8.74 12.51
N TRP A 378 18.33 -7.96 11.44
CA TRP A 378 17.00 -7.76 10.88
C TRP A 378 16.42 -9.07 10.36
N ASN A 379 17.23 -9.88 9.67
CA ASN A 379 16.74 -11.14 9.15
C ASN A 379 16.27 -12.05 10.26
N ALA A 380 17.03 -12.14 11.35
CA ALA A 380 16.65 -12.96 12.49
C ALA A 380 15.33 -12.49 13.09
N SER A 381 15.15 -11.17 13.18
CA SER A 381 13.88 -10.63 13.68
C SER A 381 12.73 -11.06 12.79
N GLN A 382 12.93 -11.04 11.47
CA GLN A 382 11.92 -11.53 10.55
C GLN A 382 11.70 -13.03 10.73
N MET A 383 12.77 -13.80 10.97
CA MET A 383 12.62 -15.24 11.16
C MET A 383 11.86 -15.57 12.44
N GLU A 384 12.03 -14.77 13.49
CA GLU A 384 11.19 -14.97 14.67
C GLU A 384 9.72 -14.73 14.33
N LEU A 385 9.45 -13.71 13.52
CA LEU A 385 8.07 -13.41 13.12
C LEU A 385 7.49 -14.53 12.27
N LEU A 386 8.25 -15.00 11.28
CA LEU A 386 7.73 -16.04 10.38
C LEU A 386 7.46 -17.34 11.13
N SER A 387 8.34 -17.71 12.06
CA SER A 387 8.29 -19.04 12.67
C SER A 387 7.40 -19.09 13.91
N THR A 388 7.46 -18.08 14.78
CA THR A 388 6.69 -18.10 16.02
C THR A 388 5.42 -17.28 15.97
N GLY A 389 5.37 -16.26 15.11
CA GLY A 389 4.21 -15.40 15.04
C GLY A 389 4.20 -14.28 16.07
N LYS A 390 5.26 -14.13 16.86
CA LYS A 390 5.35 -13.06 17.86
C LYS A 390 6.80 -12.59 17.94
N MET A 391 7.11 -11.52 17.20
CA MET A 391 8.43 -10.90 17.31
C MET A 391 8.57 -10.16 18.63
N HIS A 392 9.79 -10.16 19.16
CA HIS A 392 10.05 -9.52 20.44
C HIS A 392 9.80 -8.03 20.36
N GLY A 393 9.36 -7.45 21.48
CA GLY A 393 8.95 -6.06 21.48
C GLY A 393 10.06 -5.09 21.11
N TYR A 394 11.28 -5.36 21.58
CA TYR A 394 12.39 -4.47 21.26
C TYR A 394 12.78 -4.56 19.80
N THR A 395 12.89 -5.79 19.27
CA THR A 395 13.29 -5.96 17.88
C THR A 395 12.25 -5.42 16.91
N ARG A 396 11.02 -5.20 17.34
CA ARG A 396 9.95 -4.75 16.43
C ARG A 396 10.21 -3.29 16.06
N MET A 397 10.82 -2.53 16.97
CA MET A 397 11.20 -1.17 16.65
C MET A 397 12.34 -1.15 15.64
N TYR A 398 13.40 -1.91 15.91
CA TYR A 398 14.49 -2.05 14.95
C TYR A 398 13.97 -2.59 13.63
N TRP A 399 13.00 -3.49 13.68
CA TRP A 399 12.46 -4.11 12.46
C TRP A 399 11.80 -3.08 11.56
N ALA A 400 10.86 -2.32 12.11
CA ALA A 400 10.12 -1.35 11.29
C ALA A 400 11.00 -0.16 10.89
N LYS A 401 11.92 0.25 11.76
CA LYS A 401 12.76 1.40 11.46
C LYS A 401 13.69 1.13 10.28
N LYS A 402 14.22 -0.09 10.19
CA LYS A 402 15.09 -0.42 9.07
C LYS A 402 14.31 -0.54 7.76
N ILE A 403 13.02 -0.87 7.83
CA ILE A 403 12.17 -0.84 6.64
C ILE A 403 12.13 0.57 6.06
N LEU A 404 12.06 1.58 6.93
CA LEU A 404 12.09 2.96 6.47
C LEU A 404 13.44 3.28 5.82
N GLU A 405 14.53 2.75 6.37
CA GLU A 405 15.86 3.07 5.85
C GLU A 405 16.12 2.41 4.51
N TRP A 406 15.50 1.26 4.24
CA TRP A 406 15.82 0.50 3.02
C TRP A 406 14.61 0.32 2.12
N SER A 407 13.86 1.39 1.91
CA SER A 407 12.70 1.36 1.02
CA SER A 407 12.69 1.36 1.03
C SER A 407 12.69 2.59 0.14
N GLU A 408 11.92 2.52 -0.94
CA GLU A 408 11.86 3.61 -1.90
C GLU A 408 11.40 4.92 -1.26
N SER A 409 10.36 4.86 -0.43
CA SER A 409 9.72 6.06 0.07
C SER A 409 9.14 5.76 1.44
N PRO A 410 8.84 6.80 2.23
CA PRO A 410 8.12 6.58 3.50
C PRO A 410 6.80 5.86 3.32
N GLU A 411 6.09 6.12 2.21
CA GLU A 411 4.83 5.44 1.97
C GLU A 411 5.04 3.94 1.76
N LYS A 412 6.09 3.56 1.03
CA LYS A 412 6.35 2.15 0.78
C LYS A 412 6.75 1.43 2.06
N ALA A 413 7.52 2.08 2.92
CA ALA A 413 7.90 1.48 4.19
C ALA A 413 6.69 1.23 5.07
N LEU A 414 5.80 2.23 5.16
CA LEU A 414 4.58 2.07 5.94
C LEU A 414 3.73 0.92 5.37
N GLU A 415 3.61 0.85 4.06
CA GLU A 415 2.84 -0.22 3.42
C GLU A 415 3.47 -1.59 3.65
N ILE A 416 4.80 -1.68 3.53
CA ILE A 416 5.47 -2.96 3.71
C ILE A 416 5.41 -3.40 5.17
N ALA A 417 5.67 -2.48 6.10
CA ALA A 417 5.65 -2.84 7.52
C ALA A 417 4.25 -3.28 7.95
N ILE A 418 3.22 -2.57 7.50
CA ILE A 418 1.85 -2.95 7.85
C ILE A 418 1.48 -4.28 7.23
N CYS A 419 1.92 -4.52 5.99
CA CYS A 419 1.63 -5.79 5.33
C CYS A 419 2.24 -6.97 6.08
N LEU A 420 3.53 -6.88 6.42
CA LEU A 420 4.19 -7.99 7.10
C LEU A 420 3.73 -8.13 8.54
N ASN A 421 3.33 -7.03 9.18
CA ASN A 421 2.88 -7.09 10.56
C ASN A 421 1.52 -7.78 10.67
N ASP A 422 0.57 -7.39 9.80
CA ASP A 422 -0.76 -7.97 9.87
C ASP A 422 -0.78 -9.42 9.38
N ARG A 423 -0.01 -9.72 8.33
CA ARG A 423 -0.03 -11.06 7.76
C ARG A 423 0.54 -12.09 8.73
N TYR A 424 1.58 -11.74 9.48
CA TYR A 424 2.34 -12.73 10.22
C TYR A 424 2.25 -12.63 11.74
N GLU A 425 1.99 -11.45 12.30
CA GLU A 425 1.85 -11.34 13.74
C GLU A 425 0.52 -11.94 14.19
N LEU A 426 0.56 -12.75 15.25
CA LEU A 426 -0.68 -13.23 15.85
C LEU A 426 -1.50 -12.08 16.42
N ASP A 427 -0.81 -11.09 17.01
CA ASP A 427 -1.45 -9.89 17.55
C ASP A 427 -1.66 -8.82 16.49
N GLY A 428 -1.54 -9.16 15.20
CA GLY A 428 -1.64 -8.18 14.14
C GLY A 428 -3.07 -7.76 13.86
N ARG A 429 -3.20 -6.85 12.88
CA ARG A 429 -4.48 -6.22 12.55
C ARG A 429 -5.12 -5.61 13.79
N ASP A 430 -4.30 -4.94 14.58
CA ASP A 430 -4.64 -4.41 15.88
C ASP A 430 -4.28 -2.93 15.95
N PRO A 431 -5.03 -2.13 16.72
CA PRO A 431 -4.63 -0.72 16.89
C PRO A 431 -3.24 -0.55 17.45
N ASN A 432 -2.75 -1.50 18.25
CA ASN A 432 -1.36 -1.45 18.69
C ASN A 432 -0.41 -1.54 17.50
N GLY A 433 -0.72 -2.39 16.53
CA GLY A 433 0.14 -2.53 15.37
C GLY A 433 0.27 -1.23 14.58
N TYR A 434 -0.85 -0.54 14.36
CA TYR A 434 -0.82 0.68 13.57
C TYR A 434 -0.17 1.82 14.33
N ALA A 435 -0.51 1.99 15.61
CA ALA A 435 0.12 3.03 16.41
C ALA A 435 1.60 2.73 16.64
N GLY A 436 1.94 1.45 16.82
CA GLY A 436 3.34 1.09 16.98
C GLY A 436 4.16 1.34 15.74
N ILE A 437 3.62 0.98 14.57
CA ILE A 437 4.30 1.28 13.32
C ILE A 437 4.35 2.79 13.09
N ALA A 438 3.30 3.50 13.48
CA ALA A 438 3.32 4.96 13.38
C ALA A 438 4.43 5.56 14.23
N TRP A 439 4.67 5.00 15.42
CA TRP A 439 5.75 5.47 16.27
C TRP A 439 7.11 5.21 15.63
N SER A 440 7.29 4.04 15.00
CA SER A 440 8.60 3.69 14.47
C SER A 440 8.93 4.50 13.21
N ILE A 441 7.96 4.72 12.34
CA ILE A 441 8.19 5.29 11.03
C ILE A 441 7.90 6.78 11.01
N GLY A 442 6.79 7.20 11.61
CA GLY A 442 6.38 8.59 11.54
C GLY A 442 6.59 9.38 12.83
N GLY A 443 7.15 8.74 13.84
CA GLY A 443 7.36 9.42 15.11
C GLY A 443 6.09 9.83 15.81
N VAL A 444 5.00 9.08 15.62
CA VAL A 444 3.77 9.35 16.35
C VAL A 444 3.95 8.97 17.81
N HIS A 445 3.60 9.89 18.71
CA HIS A 445 3.82 9.77 20.15
C HIS A 445 5.29 9.76 20.51
N ASP A 446 6.14 10.34 19.65
CA ASP A 446 7.56 10.46 19.91
C ASP A 446 8.00 11.90 19.66
N ARG A 447 9.31 12.15 19.69
CA ARG A 447 9.86 13.48 19.45
C ARG A 447 11.01 13.38 18.45
N ALA A 448 11.50 14.55 18.04
CA ALA A 448 12.57 14.62 17.06
C ALA A 448 13.92 14.28 17.71
N TRP A 449 14.86 13.87 16.87
CA TRP A 449 16.19 13.47 17.33
C TRP A 449 17.21 14.01 16.33
N GLY A 450 18.42 13.48 16.40
CA GLY A 450 19.49 13.90 15.51
C GLY A 450 19.14 13.78 14.04
N GLU A 451 19.41 14.83 13.27
CA GLU A 451 19.15 14.83 11.85
C GLU A 451 20.06 13.82 11.15
N ARG A 452 19.49 12.98 10.31
CA ARG A 452 20.23 11.96 9.57
C ARG A 452 19.79 11.95 8.11
N GLU A 453 20.44 11.12 7.33
CA GLU A 453 20.09 10.96 5.91
C GLU A 453 18.94 9.98 5.83
N VAL A 454 18.07 10.16 4.85
CA VAL A 454 16.86 9.34 4.56
C VAL A 454 15.77 9.45 5.63
N THR A 455 16.06 9.03 6.86
CA THR A 455 15.04 9.03 7.94
C THR A 455 14.94 10.41 8.57
N GLY A 456 15.86 11.33 8.27
CA GLY A 456 15.66 12.65 8.84
C GLY A 456 15.77 12.65 10.35
N LYS A 457 14.80 13.30 11.00
CA LYS A 457 14.81 13.49 12.45
C LYS A 457 14.07 12.39 13.20
N ILE A 458 13.63 11.33 12.50
CA ILE A 458 13.01 10.21 13.17
C ILE A 458 14.04 9.49 14.04
N ARG A 459 13.59 8.98 15.18
CA ARG A 459 14.48 8.26 16.09
C ARG A 459 15.21 7.13 15.38
N TYR A 460 16.52 7.06 15.60
CA TYR A 460 17.38 6.10 14.92
C TYR A 460 17.77 4.97 15.85
N MET A 461 17.87 3.76 15.28
CA MET A 461 18.32 2.58 16.00
C MET A 461 19.34 1.87 15.12
N SER A 462 20.47 1.47 15.73
CA SER A 462 21.57 0.89 15.00
C SER A 462 21.85 -0.53 15.49
N TYR A 463 22.48 -1.32 14.62
CA TYR A 463 22.95 -2.64 15.01
C TYR A 463 23.91 -2.54 16.19
N GLU A 464 24.82 -1.57 16.14
CA GLU A 464 25.76 -1.37 17.25
C GLU A 464 25.04 -0.97 18.53
N GLY A 465 23.92 -0.25 18.42
CA GLY A 465 23.14 0.07 19.61
C GLY A 465 22.53 -1.17 20.24
N CYS A 466 22.10 -2.12 19.42
CA CYS A 466 21.58 -3.38 19.95
C CYS A 466 22.69 -4.21 20.59
N LYS A 467 23.90 -4.14 20.02
CA LYS A 467 25.00 -4.98 20.50
C LYS A 467 25.38 -4.67 21.94
N ARG A 468 25.28 -3.40 22.34
CA ARG A 468 25.63 -2.99 23.69
C ARG A 468 24.50 -3.20 24.69
N LYS A 469 23.28 -3.50 24.22
CA LYS A 469 22.15 -3.70 25.11
C LYS A 469 21.80 -5.16 25.34
N PHE A 470 22.04 -6.03 24.35
CA PHE A 470 21.79 -7.45 24.52
C PHE A 470 22.73 -8.22 23.60
N ASP A 471 22.90 -9.51 23.91
CA ASP A 471 23.78 -10.36 23.12
C ASP A 471 23.13 -10.59 21.76
N VAL A 472 23.56 -9.81 20.77
CA VAL A 472 22.95 -9.86 19.44
C VAL A 472 23.25 -11.19 18.76
N LYS A 473 24.44 -11.75 19.00
CA LYS A 473 24.81 -13.01 18.36
C LYS A 473 23.90 -14.14 18.79
N LEU A 474 23.54 -14.20 20.08
CA LEU A 474 22.68 -15.27 20.56
C LEU A 474 21.29 -15.18 19.93
N TYR A 475 20.79 -13.97 19.74
CA TYR A 475 19.51 -13.79 19.05
C TYR A 475 19.58 -14.29 17.61
N ILE A 476 20.67 -13.95 16.90
CA ILE A 476 20.80 -14.31 15.50
C ILE A 476 20.88 -15.83 15.34
N GLU A 477 21.68 -16.49 16.20
CA GLU A 477 21.86 -17.93 16.07
C GLU A 477 20.59 -18.70 16.41
N LYS A 478 19.74 -18.15 17.27
CA LYS A 478 18.48 -18.81 17.62
C LYS A 478 17.54 -18.88 16.43
N TYR A 479 17.60 -17.89 15.53
CA TYR A 479 16.72 -17.86 14.38
C TYR A 479 17.52 -17.85 13.08
N SER A 480 18.53 -18.72 13.00
CA SER A 480 19.41 -18.83 11.83
C SER A 480 20.13 -17.52 11.54
N LEU B 14 30.09 20.88 -26.20
CA LEU B 14 29.20 19.88 -25.64
C LEU B 14 28.77 18.88 -26.72
N VAL B 15 28.52 19.39 -27.92
CA VAL B 15 28.14 18.55 -29.05
C VAL B 15 29.19 18.69 -30.15
N PRO B 16 29.56 17.60 -30.81
CA PRO B 16 30.56 17.69 -31.87
C PRO B 16 30.07 18.52 -33.06
N ARG B 17 31.02 18.92 -33.90
CA ARG B 17 30.69 19.72 -35.06
C ARG B 17 29.96 18.91 -36.12
N GLY B 18 28.99 19.55 -36.78
CA GLY B 18 28.25 18.89 -37.85
C GLY B 18 27.46 17.69 -37.41
N SER B 19 26.88 17.73 -36.20
CA SER B 19 26.09 16.64 -35.68
C SER B 19 24.60 16.91 -35.65
N HIS B 20 24.18 18.17 -35.76
CA HIS B 20 22.78 18.57 -35.75
C HIS B 20 22.06 18.03 -34.50
N MET B 21 22.52 18.50 -33.36
CA MET B 21 22.01 18.07 -32.06
CA MET B 21 21.99 18.07 -32.07
C MET B 21 21.70 19.29 -31.21
N ASN B 22 20.47 19.39 -30.73
CA ASN B 22 20.12 20.46 -29.82
C ASN B 22 20.78 20.18 -28.48
N PRO B 23 21.67 21.05 -27.99
CA PRO B 23 22.37 20.76 -26.73
C PRO B 23 21.47 20.83 -25.50
N LYS B 24 20.25 21.35 -25.63
CA LYS B 24 19.34 21.43 -24.49
C LYS B 24 18.75 20.07 -24.13
N ARG B 25 18.79 19.11 -25.06
CA ARG B 25 18.30 17.77 -24.77
C ARG B 25 19.24 16.98 -23.87
N ILE B 26 20.44 17.51 -23.58
CA ILE B 26 21.46 16.78 -22.84
C ILE B 26 21.64 17.41 -21.47
N ARG B 27 21.87 16.57 -20.47
CA ARG B 27 22.23 17.01 -19.13
C ARG B 27 23.44 16.21 -18.66
N ALA B 28 24.40 16.92 -18.07
CA ALA B 28 25.63 16.29 -17.57
C ALA B 28 25.43 15.92 -16.11
N LEU B 29 25.47 14.61 -15.82
CA LEU B 29 25.32 14.15 -14.45
C LEU B 29 26.63 14.19 -13.68
N LYS B 30 27.76 14.10 -14.38
CA LYS B 30 29.07 14.12 -13.73
C LYS B 30 30.13 14.44 -14.78
N SER B 31 31.08 15.29 -14.40
CA SER B 31 32.21 15.63 -15.25
C SER B 31 33.44 14.83 -14.83
N GLY B 32 34.43 14.80 -15.72
CA GLY B 32 35.66 14.09 -15.43
C GLY B 32 36.50 13.95 -16.68
N LYS B 33 37.63 13.26 -16.51
CA LYS B 33 38.54 13.03 -17.62
C LYS B 33 37.97 11.97 -18.55
N GLN B 34 37.86 12.31 -19.84
CA GLN B 34 37.33 11.36 -20.82
C GLN B 34 38.28 10.19 -20.97
N GLY B 35 37.73 8.97 -20.92
CA GLY B 35 38.54 7.78 -21.02
C GLY B 35 38.97 7.47 -22.44
N ASP B 36 39.81 6.45 -22.57
CA ASP B 36 40.33 6.01 -23.86
C ASP B 36 39.46 4.98 -24.54
N GLY B 37 38.34 4.57 -23.92
CA GLY B 37 37.55 3.48 -24.43
C GLY B 37 36.25 3.89 -25.08
N PRO B 38 35.40 2.91 -25.37
CA PRO B 38 34.16 3.19 -26.10
C PRO B 38 33.18 4.00 -25.27
N VAL B 39 32.23 4.61 -25.98
CA VAL B 39 31.14 5.35 -25.35
C VAL B 39 29.96 4.39 -25.16
N VAL B 40 29.50 4.28 -23.92
CA VAL B 40 28.48 3.30 -23.55
C VAL B 40 27.16 4.03 -23.36
N TYR B 41 26.13 3.55 -24.05
CA TYR B 41 24.76 4.06 -23.91
C TYR B 41 24.00 3.10 -22.99
N TRP B 42 23.70 3.55 -21.78
CA TRP B 42 22.90 2.78 -20.84
C TRP B 42 21.43 2.95 -21.22
N MET B 43 20.90 1.99 -21.96
CA MET B 43 19.53 2.06 -22.43
C MET B 43 18.58 1.55 -21.36
N SER B 44 17.69 2.43 -20.87
CA SER B 44 16.69 2.04 -19.89
C SER B 44 15.26 2.25 -20.38
N ARG B 45 14.91 3.46 -20.81
CA ARG B 45 13.53 3.82 -21.09
C ARG B 45 13.18 3.78 -22.57
N ASP B 46 14.13 4.03 -23.45
CA ASP B 46 13.87 4.16 -24.88
C ASP B 46 14.53 2.98 -25.59
N GLN B 47 13.79 1.88 -25.70
CA GLN B 47 14.29 0.64 -26.30
C GLN B 47 13.99 0.64 -27.80
N ARG B 48 14.76 1.46 -28.51
CA ARG B 48 14.63 1.54 -29.96
C ARG B 48 15.96 1.97 -30.56
N ALA B 49 16.15 1.63 -31.83
CA ALA B 49 17.34 2.02 -32.56
C ALA B 49 17.14 3.34 -33.32
N GLU B 50 15.95 3.55 -33.86
CA GLU B 50 15.65 4.72 -34.66
C GLU B 50 14.96 5.79 -33.81
N ASP B 51 15.23 7.05 -34.15
CA ASP B 51 14.60 8.19 -33.50
C ASP B 51 14.90 8.21 -31.99
N ASN B 52 16.15 7.93 -31.64
CA ASN B 52 16.59 7.83 -30.25
C ASN B 52 17.67 8.88 -30.02
N TRP B 53 17.28 10.02 -29.43
CA TRP B 53 18.23 11.11 -29.21
C TRP B 53 19.41 10.66 -28.38
N ALA B 54 19.18 9.83 -27.36
CA ALA B 54 20.27 9.37 -26.51
C ALA B 54 21.27 8.53 -27.29
N LEU B 55 20.78 7.65 -28.16
CA LEU B 55 21.68 6.82 -28.96
C LEU B 55 22.38 7.64 -30.03
N LEU B 56 21.68 8.60 -30.63
CA LEU B 56 22.32 9.49 -31.60
C LEU B 56 23.41 10.33 -30.95
N PHE B 57 23.17 10.80 -29.72
CA PHE B 57 24.19 11.56 -29.00
C PHE B 57 25.40 10.69 -28.69
N SER B 58 25.16 9.42 -28.35
CA SER B 58 26.26 8.50 -28.08
C SER B 58 27.11 8.27 -29.32
N ARG B 59 26.48 8.17 -30.49
CA ARG B 59 27.24 8.04 -31.73
C ARG B 59 28.02 9.33 -32.02
N ALA B 60 27.42 10.48 -31.73
CA ALA B 60 28.12 11.75 -31.96
C ALA B 60 29.37 11.84 -31.11
N ILE B 61 29.30 11.43 -29.83
CA ILE B 61 30.45 11.52 -28.95
C ILE B 61 31.50 10.48 -29.35
N ALA B 62 31.08 9.23 -29.56
CA ALA B 62 32.03 8.18 -29.90
C ALA B 62 32.79 8.49 -31.18
N LYS B 63 32.16 9.21 -32.09
CA LYS B 63 32.77 9.50 -33.38
C LYS B 63 33.87 10.55 -33.27
N GLU B 64 33.62 11.60 -32.48
CA GLU B 64 34.63 12.63 -32.27
C GLU B 64 35.86 12.09 -31.57
N ALA B 65 35.68 11.12 -30.66
CA ALA B 65 36.78 10.51 -29.93
C ALA B 65 37.39 9.30 -30.64
N ASN B 66 36.95 9.02 -31.87
CA ASN B 66 37.47 7.91 -32.67
C ASN B 66 37.29 6.57 -31.95
N VAL B 67 36.16 6.40 -31.28
CA VAL B 67 35.89 5.17 -30.53
C VAL B 67 34.55 4.60 -30.98
N PRO B 68 34.32 3.29 -30.86
CA PRO B 68 33.00 2.75 -31.18
C PRO B 68 32.02 2.97 -30.03
N VAL B 69 30.74 2.81 -30.36
CA VAL B 69 29.66 2.98 -29.40
C VAL B 69 29.00 1.63 -29.18
N VAL B 70 28.67 1.32 -27.92
CA VAL B 70 28.03 0.08 -27.55
C VAL B 70 26.80 0.39 -26.71
N VAL B 71 25.85 -0.54 -26.72
CA VAL B 71 24.60 -0.41 -25.97
C VAL B 71 24.61 -1.43 -24.84
N VAL B 72 24.26 -1.00 -23.64
CA VAL B 72 24.18 -1.88 -22.48
C VAL B 72 22.78 -1.77 -21.88
N PHE B 73 22.23 -2.92 -21.49
CA PHE B 73 20.92 -3.00 -20.87
C PHE B 73 21.04 -3.87 -19.63
N CYS B 74 20.31 -3.50 -18.58
CA CYS B 74 20.36 -4.19 -17.29
C CYS B 74 18.97 -4.60 -16.87
N LEU B 75 18.69 -5.90 -16.86
CA LEU B 75 17.43 -6.43 -16.38
C LEU B 75 17.55 -6.75 -14.90
N THR B 76 16.61 -6.25 -14.10
CA THR B 76 16.65 -6.44 -12.66
C THR B 76 15.96 -7.73 -12.27
N ASP B 77 16.50 -8.39 -11.24
CA ASP B 77 15.86 -9.59 -10.72
C ASP B 77 14.50 -9.29 -10.10
N GLU B 78 14.35 -8.10 -9.52
CA GLU B 78 13.14 -7.75 -8.79
C GLU B 78 11.98 -7.34 -9.70
N PHE B 79 12.20 -7.21 -11.00
CA PHE B 79 11.14 -6.84 -11.93
C PHE B 79 10.61 -8.02 -12.74
N LEU B 80 11.09 -9.23 -12.47
CA LEU B 80 10.63 -10.41 -13.20
C LEU B 80 9.26 -10.85 -12.69
N GLY B 83 5.60 -8.41 -12.94
CA GLY B 83 4.78 -8.38 -14.14
C GLY B 83 5.28 -9.33 -15.21
N ILE B 84 4.48 -10.34 -15.52
CA ILE B 84 4.90 -11.34 -16.50
C ILE B 84 4.49 -10.98 -17.92
N ARG B 85 3.38 -10.25 -18.08
CA ARG B 85 2.94 -9.87 -19.42
C ARG B 85 3.76 -8.71 -19.98
N GLN B 86 4.20 -7.77 -19.13
CA GLN B 86 5.11 -6.74 -19.59
C GLN B 86 6.49 -7.31 -19.90
N TYR B 87 6.85 -8.42 -19.24
CA TYR B 87 8.17 -9.00 -19.41
C TYR B 87 8.35 -9.62 -20.80
N GLU B 88 7.37 -10.40 -21.26
CA GLU B 88 7.46 -11.00 -22.58
C GLU B 88 7.36 -9.96 -23.69
N PHE B 89 6.51 -8.94 -23.48
CA PHE B 89 6.40 -7.85 -24.45
C PHE B 89 7.72 -7.10 -24.58
N MET B 90 8.42 -6.93 -23.45
CA MET B 90 9.70 -6.22 -23.48
C MET B 90 10.80 -7.07 -24.12
N LEU B 91 10.93 -8.34 -23.69
CA LEU B 91 12.01 -9.18 -24.18
C LEU B 91 11.90 -9.40 -25.69
N LYS B 92 10.68 -9.61 -26.19
CA LYS B 92 10.51 -9.83 -27.62
C LYS B 92 10.97 -8.61 -28.42
N GLY B 93 10.66 -7.41 -27.93
CA GLY B 93 11.19 -6.21 -28.57
C GLY B 93 12.70 -6.09 -28.45
N LEU B 94 13.27 -6.59 -27.36
CA LEU B 94 14.71 -6.53 -27.18
C LEU B 94 15.44 -7.49 -28.11
N GLN B 95 14.84 -8.65 -28.40
CA GLN B 95 15.46 -9.57 -29.36
C GLN B 95 15.45 -8.99 -30.77
N GLU B 96 14.44 -8.20 -31.10
CA GLU B 96 14.41 -7.51 -32.40
C GLU B 96 15.40 -6.36 -32.43
N LEU B 97 15.56 -5.65 -31.31
CA LEU B 97 16.52 -4.55 -31.24
C LEU B 97 17.95 -5.06 -31.32
N GLU B 98 18.23 -6.23 -30.75
CA GLU B 98 19.58 -6.80 -30.81
C GLU B 98 19.99 -7.06 -32.26
N VAL B 99 19.07 -7.57 -33.07
CA VAL B 99 19.36 -7.80 -34.48
C VAL B 99 19.55 -6.47 -35.22
N SER B 100 18.69 -5.50 -34.92
CA SER B 100 18.77 -4.20 -35.59
C SER B 100 20.09 -3.49 -35.28
N LEU B 101 20.51 -3.52 -34.00
CA LEU B 101 21.78 -2.90 -33.64
C LEU B 101 22.95 -3.62 -34.27
N SER B 102 22.88 -4.95 -34.36
CA SER B 102 23.97 -5.72 -34.96
C SER B 102 24.13 -5.40 -36.45
N ARG B 103 23.04 -5.05 -37.13
CA ARG B 103 23.14 -4.61 -38.51
C ARG B 103 23.90 -3.30 -38.63
N LYS B 104 23.79 -2.43 -37.64
CA LYS B 104 24.53 -1.18 -37.57
C LYS B 104 25.91 -1.35 -36.96
N LYS B 105 26.33 -2.60 -36.74
CA LYS B 105 27.61 -2.93 -36.12
C LYS B 105 27.76 -2.30 -34.73
N ILE B 106 26.65 -2.11 -34.04
CA ILE B 106 26.64 -1.68 -32.65
C ILE B 106 26.40 -2.91 -31.77
N PRO B 107 27.37 -3.32 -30.95
CA PRO B 107 27.13 -4.45 -30.05
C PRO B 107 26.19 -4.05 -28.91
N SER B 108 25.49 -5.04 -28.39
CA SER B 108 24.56 -4.84 -27.29
C SER B 108 24.84 -5.86 -26.20
N PHE B 109 24.98 -5.38 -24.97
CA PHE B 109 25.29 -6.23 -23.82
C PHE B 109 24.13 -6.17 -22.84
N PHE B 110 23.66 -7.34 -22.41
CA PHE B 110 22.54 -7.46 -21.49
C PHE B 110 23.05 -8.04 -20.17
N LEU B 111 22.85 -7.31 -19.09
CA LEU B 111 23.27 -7.71 -17.76
C LEU B 111 22.06 -7.98 -16.87
N ARG B 112 22.32 -8.58 -15.71
CA ARG B 112 21.27 -8.94 -14.77
C ARG B 112 21.71 -8.54 -13.37
N GLY B 113 20.97 -7.64 -12.74
CA GLY B 113 21.23 -7.25 -11.37
C GLY B 113 20.77 -5.83 -11.12
N ASP B 114 21.10 -5.34 -9.93
CA ASP B 114 20.77 -3.99 -9.51
C ASP B 114 21.64 -3.00 -10.28
N PRO B 115 21.06 -2.18 -11.17
CA PRO B 115 21.87 -1.43 -12.15
C PRO B 115 22.95 -0.54 -11.54
N GLY B 116 22.77 -0.14 -10.28
CA GLY B 116 23.75 0.72 -9.65
C GLY B 116 25.13 0.10 -9.54
N GLU B 117 25.21 -1.22 -9.48
CA GLU B 117 26.48 -1.91 -9.29
C GLU B 117 27.01 -2.57 -10.56
N LYS B 118 26.14 -3.08 -11.43
CA LYS B 118 26.60 -3.70 -12.68
C LYS B 118 27.00 -2.66 -13.72
N ILE B 119 26.27 -1.54 -13.79
CA ILE B 119 26.65 -0.48 -14.72
C ILE B 119 28.02 0.09 -14.35
N SER B 120 28.27 0.27 -13.05
CA SER B 120 29.58 0.71 -12.61
C SER B 120 30.65 -0.34 -12.90
N ARG B 121 30.33 -1.62 -12.70
CA ARG B 121 31.30 -2.67 -12.97
C ARG B 121 31.56 -2.82 -14.47
N PHE B 122 30.52 -2.71 -15.28
CA PHE B 122 30.70 -2.79 -16.73
C PHE B 122 31.54 -1.65 -17.25
N VAL B 123 31.39 -0.45 -16.67
CA VAL B 123 32.17 0.69 -17.09
C VAL B 123 33.65 0.47 -16.79
N LYS B 124 33.96 -0.09 -15.61
CA LYS B 124 35.36 -0.29 -15.23
C LYS B 124 36.00 -1.42 -16.01
N ASP B 125 35.30 -2.54 -16.16
CA ASP B 125 35.90 -3.71 -16.83
C ASP B 125 36.12 -3.44 -18.32
N TYR B 126 35.14 -2.84 -18.98
CA TYR B 126 35.26 -2.58 -20.41
CA TYR B 126 35.20 -2.53 -20.41
C TYR B 126 35.96 -1.25 -20.70
N ASN B 127 36.45 -0.56 -19.68
CA ASN B 127 37.22 0.66 -19.81
C ASN B 127 36.47 1.72 -20.62
N ALA B 128 35.28 2.05 -20.13
CA ALA B 128 34.43 3.01 -20.79
C ALA B 128 35.06 4.41 -20.77
N GLY B 129 34.76 5.18 -21.80
CA GLY B 129 35.26 6.54 -21.89
C GLY B 129 34.20 7.57 -21.52
N THR B 130 32.97 7.33 -21.95
CA THR B 130 31.86 8.24 -21.65
C THR B 130 30.61 7.39 -21.45
N LEU B 131 29.83 7.73 -20.43
CA LEU B 131 28.59 7.02 -20.11
C LEU B 131 27.40 7.90 -20.45
N VAL B 132 26.47 7.36 -21.23
CA VAL B 132 25.26 8.07 -21.65
C VAL B 132 24.05 7.23 -21.26
N THR B 133 23.01 7.89 -20.75
CA THR B 133 21.76 7.22 -20.42
C THR B 133 20.60 8.12 -20.84
N ASP B 134 19.42 7.51 -20.93
CA ASP B 134 18.21 8.25 -21.24
C ASP B 134 17.54 8.74 -19.95
N PHE B 135 16.48 9.53 -20.11
CA PHE B 135 15.85 10.19 -18.97
C PHE B 135 14.60 9.43 -18.53
N SER B 136 14.47 9.23 -17.22
CA SER B 136 13.25 8.75 -16.60
C SER B 136 13.09 9.54 -15.30
N PRO B 137 11.90 10.09 -15.04
CA PRO B 137 11.67 10.79 -13.76
C PRO B 137 11.23 9.89 -12.62
N LEU B 138 11.24 8.57 -12.81
CA LEU B 138 10.80 7.66 -11.76
C LEU B 138 11.83 7.60 -10.64
N ARG B 139 11.36 7.21 -9.46
CA ARG B 139 12.20 7.24 -8.26
C ARG B 139 13.37 6.28 -8.37
N ILE B 140 13.13 5.07 -8.89
CA ILE B 140 14.17 4.05 -8.89
C ILE B 140 15.26 4.34 -9.91
N LYS B 141 14.96 5.09 -10.98
CA LYS B 141 16.00 5.49 -11.93
C LYS B 141 16.96 6.49 -11.29
N ASN B 142 16.43 7.43 -10.50
CA ASN B 142 17.29 8.38 -9.82
CA ASN B 142 17.29 8.38 -9.82
C ASN B 142 18.19 7.67 -8.81
N GLN B 143 17.66 6.67 -8.11
CA GLN B 143 18.46 5.93 -7.13
C GLN B 143 19.64 5.25 -7.79
N TRP B 144 19.44 4.63 -8.96
CA TRP B 144 20.53 3.98 -9.66
C TRP B 144 21.58 4.98 -10.12
N ILE B 145 21.14 6.17 -10.56
CA ILE B 145 22.07 7.17 -11.10
C ILE B 145 23.02 7.64 -10.00
N GLU B 146 22.48 7.92 -8.81
CA GLU B 146 23.35 8.33 -7.70
C GLU B 146 24.29 7.21 -7.29
N LYS B 147 23.91 5.95 -7.53
CA LYS B 147 24.79 4.83 -7.24
C LYS B 147 25.88 4.68 -8.28
N VAL B 148 25.58 4.97 -9.55
CA VAL B 148 26.59 4.88 -10.60
C VAL B 148 27.57 6.05 -10.53
N ILE B 149 27.07 7.23 -10.17
CA ILE B 149 27.93 8.42 -10.10
C ILE B 149 29.03 8.21 -9.07
N SER B 150 28.71 7.59 -7.94
CA SER B 150 29.69 7.36 -6.88
CA SER B 150 29.68 7.36 -6.88
C SER B 150 30.64 6.21 -7.19
N GLY B 151 30.42 5.48 -8.28
CA GLY B 151 31.27 4.34 -8.60
C GLY B 151 32.06 4.43 -9.90
N ILE B 152 32.07 5.60 -10.55
CA ILE B 152 32.80 5.79 -11.79
C ILE B 152 33.57 7.11 -11.72
N SER B 153 34.58 7.22 -12.59
CA SER B 153 35.38 8.43 -12.70
C SER B 153 35.34 9.07 -14.08
N ILE B 154 34.52 8.54 -14.99
CA ILE B 154 34.43 9.05 -16.35
C ILE B 154 33.21 9.96 -16.46
N PRO B 155 33.13 10.82 -17.47
CA PRO B 155 31.95 11.69 -17.61
C PRO B 155 30.67 10.89 -17.81
N PHE B 156 29.56 11.47 -17.36
CA PHE B 156 28.26 10.80 -17.35
C PHE B 156 27.20 11.80 -17.81
N PHE B 157 26.51 11.49 -18.90
CA PHE B 157 25.51 12.38 -19.49
C PHE B 157 24.16 11.68 -19.56
N GLU B 158 23.09 12.47 -19.47
CA GLU B 158 21.72 11.98 -19.58
C GLU B 158 20.99 12.78 -20.64
N VAL B 159 20.23 12.08 -21.49
CA VAL B 159 19.53 12.68 -22.62
C VAL B 159 18.05 12.31 -22.54
N ASP B 160 17.19 13.31 -22.67
CA ASP B 160 15.74 13.10 -22.68
C ASP B 160 15.33 12.76 -24.11
N ALA B 161 15.27 11.47 -24.40
CA ALA B 161 14.87 10.97 -25.71
C ALA B 161 13.39 10.61 -25.79
N HIS B 162 12.64 10.82 -24.71
CA HIS B 162 11.22 10.46 -24.65
C HIS B 162 10.31 11.63 -24.96
N ASN B 163 10.55 12.78 -24.34
CA ASN B 163 9.73 13.96 -24.54
C ASN B 163 10.23 14.75 -25.74
N VAL B 164 9.30 15.40 -26.44
CA VAL B 164 9.67 16.28 -27.54
C VAL B 164 10.46 17.46 -27.02
N VAL B 165 9.97 18.11 -25.99
CA VAL B 165 10.67 19.19 -25.30
C VAL B 165 11.28 18.61 -24.03
N PRO B 166 12.57 18.81 -23.77
CA PRO B 166 13.19 18.22 -22.58
C PRO B 166 12.47 18.63 -21.30
N CYS B 167 12.35 17.66 -20.38
CA CYS B 167 11.54 17.88 -19.19
C CYS B 167 12.08 19.04 -18.34
N TRP B 168 13.40 19.12 -18.18
CA TRP B 168 13.99 20.23 -17.45
C TRP B 168 13.90 21.55 -18.20
N GLU B 169 13.53 21.52 -19.48
CA GLU B 169 13.45 22.72 -20.31
C GLU B 169 12.04 23.26 -20.45
N ALA B 170 11.03 22.38 -20.54
CA ALA B 170 9.66 22.83 -20.73
C ALA B 170 9.17 23.65 -19.55
N SER B 171 9.54 23.24 -18.34
CA SER B 171 9.16 23.98 -17.14
C SER B 171 10.12 23.62 -16.02
N GLN B 172 10.34 24.57 -15.12
CA GLN B 172 11.25 24.39 -14.00
C GLN B 172 10.53 24.11 -12.69
N LYS B 173 9.23 23.82 -12.73
CA LYS B 173 8.45 23.61 -11.53
C LYS B 173 7.30 22.65 -11.83
N HIS B 174 6.55 22.29 -10.79
CA HIS B 174 5.39 21.44 -10.93
C HIS B 174 4.22 22.26 -11.48
N GLU B 175 3.69 21.85 -12.62
CA GLU B 175 2.59 22.58 -13.25
C GLU B 175 1.27 22.19 -12.60
N TYR B 176 0.47 23.20 -12.26
CA TYR B 176 -0.80 22.95 -11.58
C TYR B 176 -1.85 22.37 -12.51
N ALA B 177 -1.85 22.78 -13.78
CA ALA B 177 -2.87 22.33 -14.72
C ALA B 177 -2.28 22.27 -16.12
N ALA B 178 -3.08 21.73 -17.04
CA ALA B 178 -2.65 21.67 -18.43
C ALA B 178 -2.73 23.05 -19.11
N HIS B 179 -3.62 23.92 -18.65
CA HIS B 179 -3.74 25.24 -19.24
C HIS B 179 -2.59 26.17 -18.84
N THR B 180 -1.88 25.85 -17.75
CA THR B 180 -0.63 26.53 -17.44
C THR B 180 0.58 25.86 -18.06
N PHE B 181 0.47 24.58 -18.43
CA PHE B 181 1.54 23.88 -19.12
C PHE B 181 1.43 23.98 -20.63
N ARG B 182 0.26 24.36 -21.15
CA ARG B 182 0.08 24.39 -22.60
C ARG B 182 0.88 25.49 -23.27
N PRO B 183 0.78 26.77 -22.87
CA PRO B 183 1.55 27.81 -23.58
C PRO B 183 3.05 27.61 -23.51
N LYS B 184 3.57 27.07 -22.40
CA LYS B 184 5.01 26.88 -22.27
C LYS B 184 5.52 25.81 -23.24
N LEU B 185 4.76 24.73 -23.41
CA LEU B 185 5.20 23.66 -24.31
C LEU B 185 5.14 24.08 -25.77
N TYR B 186 4.06 24.76 -26.16
CA TYR B 186 3.88 25.14 -27.56
C TYR B 186 4.77 26.30 -27.98
N ALA B 187 5.28 27.08 -27.03
CA ALA B 187 6.25 28.11 -27.38
C ALA B 187 7.62 27.50 -27.69
N LEU B 188 7.91 26.33 -27.10
CA LEU B 188 9.16 25.63 -27.35
C LEU B 188 9.04 24.55 -28.41
N LEU B 189 7.83 24.33 -28.95
CA LEU B 189 7.65 23.30 -29.97
C LEU B 189 8.45 23.56 -31.25
N PRO B 190 8.43 24.76 -31.85
CA PRO B 190 9.14 24.94 -33.13
C PRO B 190 10.63 24.63 -33.05
N GLU B 191 11.27 24.92 -31.91
CA GLU B 191 12.70 24.64 -31.79
C GLU B 191 12.98 23.15 -31.71
N PHE B 192 12.18 22.41 -30.93
CA PHE B 192 12.47 21.02 -30.66
C PHE B 192 11.75 20.05 -31.60
N LEU B 193 10.67 20.48 -32.25
CA LEU B 193 9.95 19.61 -33.18
C LEU B 193 10.74 19.57 -34.47
N GLU B 194 11.67 18.62 -34.56
CA GLU B 194 12.58 18.52 -35.67
C GLU B 194 12.72 17.06 -36.08
N GLU B 195 13.16 16.84 -37.32
CA GLU B 195 13.34 15.50 -37.83
C GLU B 195 14.57 14.85 -37.21
N PHE B 196 14.63 13.52 -37.32
CA PHE B 196 15.72 12.74 -36.77
C PHE B 196 16.76 12.46 -37.85
N PRO B 197 18.04 12.70 -37.59
CA PRO B 197 19.08 12.19 -38.49
C PRO B 197 19.21 10.68 -38.36
N GLU B 198 19.73 10.06 -39.42
CA GLU B 198 19.88 8.61 -39.42
C GLU B 198 21.04 8.19 -38.52
N LEU B 199 20.86 7.03 -37.88
CA LEU B 199 21.92 6.45 -37.07
C LEU B 199 23.04 5.94 -37.96
N GLU B 200 24.24 6.50 -37.81
CA GLU B 200 25.37 6.06 -38.61
C GLU B 200 26.02 4.83 -37.97
N PRO B 201 26.34 3.80 -38.76
CA PRO B 201 26.91 2.57 -38.18
C PRO B 201 28.30 2.80 -37.62
N ASN B 202 28.68 1.92 -36.69
CA ASN B 202 30.01 1.96 -36.11
C ASN B 202 31.08 1.83 -37.19
N SER B 203 31.98 2.80 -37.23
CA SER B 203 33.11 2.80 -38.14
C SER B 203 34.38 2.25 -37.50
N VAL B 204 34.33 1.91 -36.22
CA VAL B 204 35.47 1.34 -35.51
C VAL B 204 35.05 -0.02 -34.96
N THR B 205 35.72 -1.08 -35.41
CA THR B 205 35.39 -2.40 -34.92
C THR B 205 35.78 -2.53 -33.45
N PRO B 206 34.84 -2.83 -32.55
CA PRO B 206 35.13 -2.98 -31.13
C PRO B 206 35.82 -4.30 -30.81
N ASP B 240 -0.96 -16.08 -15.13
CA ASP B 240 -1.70 -15.15 -15.97
C ASP B 240 -2.46 -15.90 -17.07
N PRO B 241 -3.55 -16.58 -16.69
CA PRO B 241 -4.30 -17.37 -17.67
C PRO B 241 -5.25 -16.57 -18.53
N LEU B 242 -5.71 -15.41 -18.07
CA LEU B 242 -6.70 -14.62 -18.78
C LEU B 242 -6.10 -13.69 -19.82
N PHE B 243 -4.77 -13.57 -19.89
CA PHE B 243 -4.13 -12.66 -20.82
C PHE B 243 -4.15 -13.23 -22.23
N GLU B 244 -4.49 -12.37 -23.20
CA GLU B 244 -4.51 -12.73 -24.62
C GLU B 244 -3.41 -11.94 -25.32
N PRO B 245 -2.22 -12.52 -25.49
CA PRO B 245 -1.07 -11.74 -25.95
C PRO B 245 -1.03 -11.46 -27.45
N TRP B 246 -2.03 -11.92 -28.20
CA TRP B 246 -2.05 -11.72 -29.64
C TRP B 246 -2.60 -10.36 -30.06
N HIS B 247 -3.05 -9.54 -29.10
CA HIS B 247 -3.65 -8.27 -29.45
C HIS B 247 -2.62 -7.24 -29.90
N PHE B 248 -1.42 -7.27 -29.33
CA PHE B 248 -0.36 -6.33 -29.67
C PHE B 248 0.92 -7.09 -29.95
N GLU B 249 1.40 -7.00 -31.18
CA GLU B 249 2.70 -7.56 -31.51
C GLU B 249 3.80 -6.61 -31.03
N PRO B 250 4.78 -7.09 -30.28
CA PRO B 250 5.84 -6.21 -29.79
C PRO B 250 6.95 -6.04 -30.81
N GLY B 251 7.72 -4.99 -30.62
CA GLY B 251 8.88 -4.70 -31.46
C GLY B 251 8.80 -3.31 -32.07
N GLU B 252 9.96 -2.89 -32.60
CA GLU B 252 10.04 -1.57 -33.23
C GLU B 252 9.34 -1.55 -34.59
N LYS B 253 9.49 -2.63 -35.37
CA LYS B 253 8.77 -2.72 -36.63
C LYS B 253 7.27 -2.78 -36.40
N ALA B 254 6.85 -3.39 -35.28
CA ALA B 254 5.43 -3.51 -34.97
C ALA B 254 4.83 -2.16 -34.60
N ALA B 255 5.59 -1.32 -33.88
CA ALA B 255 5.10 -0.01 -33.47
C ALA B 255 4.92 0.92 -34.67
N LYS B 256 5.63 0.69 -35.76
CA LYS B 256 5.49 1.56 -36.92
C LYS B 256 4.23 1.26 -37.72
N LYS B 257 3.88 -0.02 -37.87
CA LYS B 257 2.68 -0.34 -38.65
C LYS B 257 1.41 -0.10 -37.85
N VAL B 258 1.48 -0.24 -36.52
CA VAL B 258 0.36 0.18 -35.68
C VAL B 258 0.12 1.67 -35.84
N MET B 259 1.20 2.45 -35.83
CA MET B 259 1.09 3.89 -36.03
C MET B 259 0.56 4.23 -37.43
N GLU B 260 1.09 3.57 -38.46
CA GLU B 260 0.65 3.86 -39.83
C GLU B 260 -0.83 3.55 -40.00
N SER B 261 -1.29 2.45 -39.42
CA SER B 261 -2.71 2.11 -39.49
C SER B 261 -3.58 3.15 -38.82
N PHE B 262 -3.04 3.86 -37.84
CA PHE B 262 -3.82 4.84 -37.11
C PHE B 262 -4.03 6.12 -37.92
N ILE B 263 -2.97 6.61 -38.58
CA ILE B 263 -3.11 7.82 -39.39
C ILE B 263 -4.03 7.55 -40.59
N ALA B 264 -3.88 6.38 -41.22
CA ALA B 264 -4.66 6.09 -42.41
C ALA B 264 -6.13 5.84 -42.08
N ASP B 265 -6.40 5.11 -41.00
CA ASP B 265 -7.75 4.62 -40.73
C ASP B 265 -8.45 5.24 -39.54
N ARG B 266 -7.71 5.76 -38.54
CA ARG B 266 -8.32 6.12 -37.26
C ARG B 266 -8.12 7.56 -36.83
N LEU B 267 -7.17 8.29 -37.42
CA LEU B 267 -6.96 9.68 -37.00
C LEU B 267 -8.16 10.55 -37.35
N ASP B 268 -8.79 10.29 -38.49
CA ASP B 268 -9.77 11.23 -39.05
C ASP B 268 -10.91 11.49 -38.08
N SER B 269 -11.46 10.45 -37.46
CA SER B 269 -12.56 10.61 -36.52
C SER B 269 -12.15 10.28 -35.09
N TYR B 270 -10.84 10.42 -34.79
CA TYR B 270 -10.36 10.26 -33.41
C TYR B 270 -10.98 11.31 -32.49
N GLY B 271 -11.07 12.55 -32.96
CA GLY B 271 -11.53 13.63 -32.09
C GLY B 271 -12.95 13.46 -31.60
N ALA B 272 -13.78 12.76 -32.37
CA ALA B 272 -15.18 12.56 -32.00
C ALA B 272 -15.46 11.22 -31.34
N LEU B 273 -14.56 10.24 -31.52
CA LEU B 273 -14.80 8.87 -31.03
C LEU B 273 -13.76 8.42 -30.02
N ARG B 274 -12.90 9.32 -29.53
CA ARG B 274 -11.85 8.89 -28.60
CA ARG B 274 -11.86 8.91 -28.59
C ARG B 274 -12.43 8.48 -27.24
N ASN B 275 -13.60 9.01 -26.87
CA ASN B 275 -14.22 8.69 -25.60
C ASN B 275 -15.34 7.66 -25.75
N ASP B 276 -15.34 6.91 -26.84
CA ASP B 276 -16.31 5.83 -27.06
C ASP B 276 -15.58 4.50 -26.93
N PRO B 277 -15.66 3.83 -25.78
CA PRO B 277 -14.94 2.55 -25.63
C PRO B 277 -15.49 1.43 -26.48
N THR B 278 -16.68 1.60 -27.08
CA THR B 278 -17.21 0.59 -27.98
C THR B 278 -16.59 0.64 -29.37
N LYS B 279 -15.89 1.73 -29.71
CA LYS B 279 -15.21 1.85 -30.99
C LYS B 279 -13.71 1.93 -30.75
N ASN B 280 -12.96 1.04 -31.39
CA ASN B 280 -11.50 1.00 -31.26
C ASN B 280 -10.93 2.09 -32.17
N MET B 281 -10.94 3.31 -31.65
CA MET B 281 -10.55 4.45 -32.46
C MET B 281 -9.38 5.20 -31.85
N LEU B 282 -8.66 4.57 -30.93
CA LEU B 282 -7.45 5.15 -30.37
C LEU B 282 -6.23 4.69 -31.16
N SER B 283 -5.09 5.32 -30.88
CA SER B 283 -3.87 4.99 -31.61
C SER B 283 -3.31 3.64 -31.21
N ASN B 284 -3.64 3.13 -30.03
CA ASN B 284 -3.08 1.89 -29.51
C ASN B 284 -1.56 1.92 -29.54
N LEU B 285 -0.99 3.05 -29.14
CA LEU B 285 0.45 3.26 -29.17
C LEU B 285 1.10 3.29 -27.80
N SER B 286 0.32 3.26 -26.72
CA SER B 286 0.90 3.38 -25.39
C SER B 286 1.86 2.26 -25.02
N PRO B 287 1.58 0.97 -25.28
CA PRO B 287 2.57 -0.05 -24.88
C PRO B 287 3.92 0.12 -25.56
N TYR B 288 3.94 0.55 -26.83
CA TYR B 288 5.20 0.81 -27.50
C TYR B 288 5.85 2.09 -27.00
N LEU B 289 5.02 3.11 -26.72
CA LEU B 289 5.55 4.38 -26.22
C LEU B 289 6.18 4.20 -24.84
N HIS B 290 5.57 3.40 -23.97
CA HIS B 290 6.10 3.22 -22.62
C HIS B 290 7.47 2.56 -22.64
N PHE B 291 7.64 1.54 -23.48
CA PHE B 291 8.92 0.85 -23.57
C PHE B 291 9.92 1.59 -24.46
N GLY B 292 9.53 2.72 -25.05
CA GLY B 292 10.41 3.43 -25.94
C GLY B 292 10.60 2.75 -27.28
N GLN B 293 9.69 1.86 -27.67
CA GLN B 293 9.79 1.19 -28.96
C GLN B 293 9.44 2.11 -30.12
N ILE B 294 8.90 3.30 -29.85
CA ILE B 294 8.61 4.29 -30.88
C ILE B 294 8.73 5.67 -30.25
N SER B 295 9.27 6.62 -31.01
CA SER B 295 9.40 7.99 -30.54
C SER B 295 8.08 8.72 -30.69
N SER B 296 7.61 9.33 -29.59
CA SER B 296 6.43 10.18 -29.67
C SER B 296 6.68 11.38 -30.58
N GLN B 297 7.94 11.84 -30.65
CA GLN B 297 8.30 12.88 -31.60
C GLN B 297 8.09 12.40 -33.04
N ARG B 298 8.45 11.15 -33.32
CA ARG B 298 8.22 10.59 -34.65
C ARG B 298 6.73 10.54 -34.95
N VAL B 299 5.91 10.18 -33.97
CA VAL B 299 4.45 10.16 -34.16
C VAL B 299 3.95 11.56 -34.47
N VAL B 300 4.43 12.57 -33.72
CA VAL B 300 3.97 13.94 -33.93
C VAL B 300 4.38 14.43 -35.31
N LEU B 301 5.58 14.07 -35.77
CA LEU B 301 6.05 14.50 -37.08
C LEU B 301 5.15 13.99 -38.19
N GLU B 302 4.71 12.74 -38.09
CA GLU B 302 3.95 12.13 -39.19
C GLU B 302 2.48 12.52 -39.16
N VAL B 303 1.90 12.67 -37.96
CA VAL B 303 0.53 13.15 -37.86
C VAL B 303 0.43 14.57 -38.39
N GLU B 304 1.46 15.39 -38.13
CA GLU B 304 1.49 16.75 -38.68
C GLU B 304 1.52 16.74 -40.20
N LYS B 305 2.19 15.75 -40.81
CA LYS B 305 2.21 15.65 -42.27
C LYS B 305 0.87 15.19 -42.83
N ALA B 306 0.08 14.47 -42.03
CA ALA B 306 -1.16 13.90 -42.52
C ALA B 306 -2.18 14.98 -42.86
N GLU B 307 -3.05 14.65 -43.81
CA GLU B 307 -4.16 15.50 -44.21
C GLU B 307 -5.44 14.85 -43.68
N SER B 308 -5.87 15.27 -42.49
CA SER B 308 -7.03 14.69 -41.83
C SER B 308 -7.80 15.82 -41.16
N ASN B 309 -8.74 15.46 -40.30
CA ASN B 309 -9.59 16.44 -39.64
C ASN B 309 -8.75 17.31 -38.72
N PRO B 310 -8.75 18.64 -38.89
CA PRO B 310 -7.95 19.49 -38.00
C PRO B 310 -8.37 19.40 -36.54
N GLY B 311 -9.66 19.23 -36.28
CA GLY B 311 -10.12 19.06 -34.91
C GLY B 311 -9.62 17.77 -34.29
N SER B 312 -9.52 16.71 -35.09
CA SER B 312 -8.98 15.45 -34.59
C SER B 312 -7.46 15.50 -34.45
N LYS B 313 -6.78 16.25 -35.31
CA LYS B 313 -5.32 16.37 -35.20
C LYS B 313 -4.91 17.18 -33.98
N LYS B 314 -5.71 18.19 -33.61
CA LYS B 314 -5.41 18.97 -32.41
C LYS B 314 -5.75 18.19 -31.14
N ALA B 315 -6.84 17.42 -31.17
CA ALA B 315 -7.24 16.65 -30.00
C ALA B 315 -6.19 15.59 -29.63
N PHE B 316 -5.67 14.89 -30.65
CA PHE B 316 -4.62 13.91 -30.39
C PHE B 316 -3.34 14.61 -29.93
N LEU B 317 -2.97 15.70 -30.60
CA LEU B 317 -1.74 16.41 -30.24
C LEU B 317 -1.78 16.90 -28.80
N ASP B 318 -2.97 17.18 -28.28
CA ASP B 318 -3.08 17.53 -26.86
C ASP B 318 -2.82 16.33 -25.96
N GLU B 319 -3.07 15.12 -26.45
CA GLU B 319 -2.86 13.93 -25.64
C GLU B 319 -1.40 13.52 -25.62
N ILE B 320 -0.80 13.34 -26.80
CA ILE B 320 0.57 12.83 -26.89
C ILE B 320 1.58 13.87 -26.42
N LEU B 321 1.25 15.15 -26.52
CA LEU B 321 2.20 16.21 -26.17
C LEU B 321 1.93 16.81 -24.80
N ILE B 322 0.73 17.33 -24.58
CA ILE B 322 0.46 18.07 -23.35
C ILE B 322 0.35 17.13 -22.16
N TRP B 323 -0.57 16.17 -22.21
CA TRP B 323 -0.79 15.33 -21.05
C TRP B 323 0.31 14.29 -20.86
N LYS B 324 0.88 13.78 -21.95
CA LYS B 324 1.95 12.79 -21.80
C LYS B 324 3.17 13.40 -21.12
N GLU B 325 3.56 14.61 -21.54
CA GLU B 325 4.76 15.24 -21.00
C GLU B 325 4.52 15.99 -19.69
N ILE B 326 3.27 16.25 -19.33
CA ILE B 326 2.99 16.81 -18.01
C ILE B 326 3.04 15.73 -16.94
N SER B 327 2.91 14.46 -17.34
CA SER B 327 3.11 13.37 -16.39
C SER B 327 4.58 13.28 -15.97
N ASP B 328 5.50 13.45 -16.93
CA ASP B 328 6.91 13.53 -16.58
C ASP B 328 7.20 14.76 -15.73
N ASN B 329 6.54 15.88 -16.05
CA ASN B 329 6.68 17.08 -15.22
C ASN B 329 6.15 16.83 -13.81
N PHE B 330 5.08 16.04 -13.68
CA PHE B 330 4.50 15.79 -12.37
C PHE B 330 5.41 14.88 -11.54
N CYS B 331 5.96 13.83 -12.15
CA CYS B 331 6.81 12.90 -11.41
C CYS B 331 8.20 13.47 -11.15
N TYR B 332 8.71 14.28 -12.07
CA TYR B 332 10.07 14.82 -11.92
C TYR B 332 10.16 15.76 -10.72
N TYR B 333 9.14 16.60 -10.53
CA TYR B 333 9.16 17.61 -9.48
C TYR B 333 8.40 17.19 -8.22
N ASN B 334 7.75 16.03 -8.24
CA ASN B 334 7.05 15.50 -7.06
C ASN B 334 7.56 14.09 -6.80
N PRO B 335 8.54 13.93 -5.91
CA PRO B 335 9.04 12.57 -5.61
C PRO B 335 7.99 11.64 -5.06
N GLY B 336 7.02 12.15 -4.31
CA GLY B 336 5.94 11.33 -3.79
C GLY B 336 4.76 11.25 -4.74
N TYR B 337 5.04 11.09 -6.04
CA TYR B 337 4.01 11.16 -7.06
C TYR B 337 2.95 10.07 -6.92
N ASP B 338 3.30 8.94 -6.30
CA ASP B 338 2.36 7.84 -6.11
C ASP B 338 1.79 7.78 -4.70
N GLY B 339 1.77 8.91 -3.99
CA GLY B 339 1.28 8.94 -2.63
C GLY B 339 0.29 10.06 -2.42
N PHE B 340 -0.44 9.94 -1.30
CA PHE B 340 -1.45 10.93 -0.94
C PHE B 340 -0.85 12.32 -0.72
N GLU B 341 0.46 12.40 -0.42
CA GLU B 341 1.08 13.68 -0.15
C GLU B 341 1.14 14.57 -1.40
N SER B 342 1.26 13.98 -2.59
CA SER B 342 1.37 14.75 -3.81
C SER B 342 0.07 15.39 -4.25
N PHE B 343 -1.04 15.08 -3.60
CA PHE B 343 -2.32 15.66 -3.98
C PHE B 343 -2.34 17.15 -3.66
N PRO B 344 -3.09 17.94 -4.43
CA PRO B 344 -3.24 19.36 -4.09
C PRO B 344 -3.91 19.52 -2.74
N SER B 345 -3.65 20.67 -2.09
CA SER B 345 -4.15 20.90 -0.75
C SER B 345 -5.67 20.82 -0.69
N TRP B 346 -6.35 21.48 -1.64
CA TRP B 346 -7.81 21.48 -1.63
C TRP B 346 -8.38 20.07 -1.71
N ALA B 347 -7.67 19.15 -2.37
CA ALA B 347 -8.11 17.77 -2.42
C ALA B 347 -7.80 17.03 -1.13
N LYS B 348 -6.62 17.27 -0.55
CA LYS B 348 -6.28 16.62 0.71
C LYS B 348 -7.21 17.07 1.83
N GLU B 349 -7.60 18.34 1.83
CA GLU B 349 -8.59 18.82 2.79
C GLU B 349 -9.94 18.14 2.59
N SER B 350 -10.37 18.01 1.33
CA SER B 350 -11.71 17.47 1.06
C SER B 350 -11.77 15.98 1.36
N LEU B 351 -10.74 15.22 0.98
CA LEU B 351 -10.75 13.78 1.22
C LEU B 351 -10.62 13.47 2.70
N ASN B 352 -9.86 14.27 3.46
CA ASN B 352 -9.73 14.04 4.89
C ASN B 352 -11.05 14.24 5.61
N ALA B 353 -11.81 15.29 5.22
CA ALA B 353 -13.06 15.60 5.89
C ALA B 353 -14.13 14.54 5.67
N HIS B 354 -13.99 13.71 4.64
CA HIS B 354 -14.95 12.66 4.33
C HIS B 354 -14.39 11.26 4.60
N ARG B 355 -13.37 11.16 5.46
CA ARG B 355 -12.77 9.87 5.76
C ARG B 355 -13.71 8.97 6.55
N ASN B 356 -14.56 9.56 7.40
CA ASN B 356 -15.48 8.79 8.23
C ASN B 356 -16.82 8.54 7.57
N ASP B 357 -17.06 9.08 6.37
CA ASP B 357 -18.31 8.84 5.68
C ASP B 357 -18.48 7.36 5.38
N VAL B 358 -19.69 6.85 5.62
CA VAL B 358 -19.99 5.45 5.34
C VAL B 358 -19.96 5.23 3.83
N ARG B 359 -19.26 4.19 3.41
CA ARG B 359 -19.18 3.85 2.00
C ARG B 359 -20.31 2.92 1.61
N SER B 360 -20.93 3.20 0.45
CA SER B 360 -22.01 2.35 -0.04
C SER B 360 -21.54 0.91 -0.21
N HIS B 361 -20.31 0.73 -0.68
CA HIS B 361 -19.70 -0.59 -0.80
C HIS B 361 -18.22 -0.49 -0.44
N ILE B 362 -17.68 -1.58 0.06
CA ILE B 362 -16.25 -1.70 0.36
C ILE B 362 -15.76 -3.00 -0.26
N TYR B 363 -14.80 -2.91 -1.17
CA TYR B 363 -14.24 -4.07 -1.85
C TYR B 363 -12.76 -4.17 -1.55
N THR B 364 -12.28 -5.40 -1.34
CA THR B 364 -10.87 -5.65 -1.16
C THR B 364 -10.14 -5.61 -2.50
N LEU B 365 -8.81 -5.64 -2.42
CA LEU B 365 -8.01 -5.69 -3.65
C LEU B 365 -8.31 -6.96 -4.45
N GLU B 366 -8.50 -8.08 -3.74
CA GLU B 366 -8.82 -9.33 -4.42
C GLU B 366 -10.14 -9.23 -5.16
N GLU B 367 -11.17 -8.64 -4.54
CA GLU B 367 -12.46 -8.51 -5.19
C GLU B 367 -12.39 -7.55 -6.38
N PHE B 368 -11.64 -6.45 -6.24
CA PHE B 368 -11.43 -5.57 -7.38
C PHE B 368 -10.67 -6.28 -8.50
N GLU B 369 -9.66 -7.08 -8.14
CA GLU B 369 -8.84 -7.75 -9.15
C GLU B 369 -9.65 -8.76 -9.95
N ALA B 370 -10.51 -9.53 -9.28
CA ALA B 370 -11.31 -10.54 -9.96
C ALA B 370 -12.49 -9.97 -10.71
N GLY B 371 -12.79 -8.68 -10.53
CA GLY B 371 -13.96 -8.09 -11.15
C GLY B 371 -15.26 -8.61 -10.56
N LYS B 372 -15.38 -8.55 -9.23
CA LYS B 372 -16.54 -9.09 -8.54
C LYS B 372 -17.29 -8.00 -7.79
N THR B 373 -17.49 -6.85 -8.42
CA THR B 373 -18.23 -5.75 -7.84
C THR B 373 -19.68 -5.78 -8.31
N HIS B 374 -20.51 -4.96 -7.66
CA HIS B 374 -21.91 -4.81 -8.06
C HIS B 374 -22.08 -4.05 -9.37
N ASP B 375 -21.03 -3.40 -9.86
CA ASP B 375 -21.12 -2.55 -11.04
C ASP B 375 -20.68 -3.37 -12.26
N PRO B 376 -21.59 -3.73 -13.17
CA PRO B 376 -21.16 -4.43 -14.39
C PRO B 376 -20.27 -3.59 -15.28
N LEU B 377 -20.45 -2.26 -15.30
CA LEU B 377 -19.57 -1.42 -16.11
C LEU B 377 -18.14 -1.44 -15.58
N TRP B 378 -17.96 -1.37 -14.25
CA TRP B 378 -16.62 -1.47 -13.69
C TRP B 378 -16.04 -2.85 -13.92
N ASN B 379 -16.86 -3.90 -13.77
CA ASN B 379 -16.38 -5.26 -14.00
C ASN B 379 -15.98 -5.47 -15.46
N ALA B 380 -16.72 -4.88 -16.39
CA ALA B 380 -16.34 -4.96 -17.79
C ALA B 380 -15.03 -4.21 -18.06
N SER B 381 -14.84 -3.05 -17.41
CA SER B 381 -13.60 -2.30 -17.59
C SER B 381 -12.40 -3.10 -17.09
N GLN B 382 -12.55 -3.74 -15.92
CA GLN B 382 -11.49 -4.61 -15.41
C GLN B 382 -11.25 -5.80 -16.33
N MET B 383 -12.33 -6.42 -16.81
CA MET B 383 -12.19 -7.61 -17.66
C MET B 383 -11.45 -7.28 -18.95
N GLU B 384 -11.68 -6.09 -19.50
CA GLU B 384 -10.87 -5.63 -20.61
C GLU B 384 -9.41 -5.50 -20.19
N LEU B 385 -9.16 -5.07 -18.95
CA LEU B 385 -7.80 -4.92 -18.46
C LEU B 385 -7.09 -6.27 -18.33
N LEU B 386 -7.75 -7.28 -17.77
CA LEU B 386 -7.06 -8.56 -17.61
C LEU B 386 -6.95 -9.34 -18.92
N SER B 387 -7.82 -9.10 -19.90
CA SER B 387 -7.79 -9.91 -21.11
C SER B 387 -6.87 -9.37 -22.18
N THR B 388 -6.86 -8.05 -22.40
CA THR B 388 -6.03 -7.46 -23.43
C THR B 388 -4.89 -6.61 -22.90
N GLY B 389 -4.83 -6.37 -21.58
CA GLY B 389 -3.77 -5.59 -21.01
C GLY B 389 -3.77 -4.12 -21.38
N LYS B 390 -4.86 -3.62 -21.97
CA LYS B 390 -4.96 -2.21 -22.34
C LYS B 390 -6.42 -1.80 -22.22
N MET B 391 -6.77 -1.22 -21.07
CA MET B 391 -8.12 -0.72 -20.85
C MET B 391 -8.31 0.60 -21.61
N HIS B 392 -9.54 0.82 -22.06
CA HIS B 392 -9.84 2.01 -22.85
C HIS B 392 -9.58 3.27 -22.04
N GLY B 393 -9.15 4.33 -22.73
CA GLY B 393 -8.72 5.53 -22.04
C GLY B 393 -9.82 6.17 -21.22
N TYR B 394 -11.05 6.16 -21.73
CA TYR B 394 -12.15 6.79 -21.00
C TYR B 394 -12.54 5.97 -19.78
N THR B 395 -12.66 4.65 -19.93
CA THR B 395 -13.07 3.81 -18.81
C THR B 395 -12.04 3.79 -17.69
N ARG B 396 -10.81 4.15 -18.01
CA ARG B 396 -9.73 4.20 -16.99
C ARG B 396 -10.11 5.23 -15.93
N MET B 397 -10.78 6.29 -16.34
CA MET B 397 -11.22 7.34 -15.43
C MET B 397 -12.30 6.81 -14.50
N TYR B 398 -13.32 6.16 -15.07
CA TYR B 398 -14.38 5.56 -14.28
C TYR B 398 -13.84 4.46 -13.38
N TRP B 399 -12.90 3.67 -13.91
CA TRP B 399 -12.35 2.54 -13.17
C TRP B 399 -11.65 3.00 -11.89
N ALA B 400 -10.82 4.03 -11.97
CA ALA B 400 -10.07 4.49 -10.80
C ALA B 400 -10.93 5.29 -9.83
N LYS B 401 -11.90 6.06 -10.34
CA LYS B 401 -12.75 6.85 -9.46
C LYS B 401 -13.66 5.97 -8.62
N LYS B 402 -14.05 4.81 -9.14
CA LYS B 402 -14.88 3.89 -8.37
C LYS B 402 -14.09 3.13 -7.32
N ILE B 403 -12.80 2.91 -7.55
CA ILE B 403 -11.94 2.34 -6.52
C ILE B 403 -11.88 3.27 -5.32
N LEU B 404 -11.81 4.59 -5.57
CA LEU B 404 -11.87 5.55 -4.48
C LEU B 404 -13.24 5.54 -3.81
N GLU B 405 -14.31 5.29 -4.58
CA GLU B 405 -15.65 5.30 -4.01
C GLU B 405 -15.93 4.08 -3.16
N TRP B 406 -15.31 2.93 -3.47
CA TRP B 406 -15.62 1.67 -2.82
C TRP B 406 -14.41 1.10 -2.09
N SER B 407 -13.65 1.97 -1.42
CA SER B 407 -12.56 1.57 -0.55
C SER B 407 -12.68 2.34 0.76
N GLU B 408 -12.01 1.81 1.80
CA GLU B 408 -12.21 2.35 3.14
C GLU B 408 -11.42 3.62 3.42
N SER B 409 -10.41 3.94 2.61
CA SER B 409 -9.62 5.14 2.83
C SER B 409 -9.04 5.60 1.49
N PRO B 410 -8.71 6.89 1.37
CA PRO B 410 -8.06 7.35 0.13
C PRO B 410 -6.74 6.66 -0.14
N GLU B 411 -5.97 6.35 0.90
CA GLU B 411 -4.68 5.69 0.71
C GLU B 411 -4.86 4.30 0.11
N LYS B 412 -5.83 3.54 0.63
CA LYS B 412 -6.07 2.20 0.10
C LYS B 412 -6.54 2.24 -1.36
N ALA B 413 -7.34 3.26 -1.70
CA ALA B 413 -7.75 3.42 -3.09
C ALA B 413 -6.55 3.67 -3.99
N LEU B 414 -5.60 4.51 -3.54
CA LEU B 414 -4.38 4.74 -4.30
C LEU B 414 -3.57 3.46 -4.46
N GLU B 415 -3.45 2.68 -3.38
N GLU B 415 -3.44 2.69 -3.37
CA GLU B 415 -2.66 1.45 -3.43
CA GLU B 415 -2.66 1.45 -3.43
C GLU B 415 -3.31 0.41 -4.33
C GLU B 415 -3.32 0.43 -4.35
N ILE B 416 -4.65 0.30 -4.27
CA ILE B 416 -5.35 -0.67 -5.10
C ILE B 416 -5.26 -0.28 -6.57
N ALA B 417 -5.42 1.01 -6.88
CA ALA B 417 -5.37 1.46 -8.27
C ALA B 417 -3.95 1.35 -8.85
N ILE B 418 -2.94 1.65 -8.04
CA ILE B 418 -1.56 1.56 -8.51
C ILE B 418 -1.16 0.10 -8.71
N CYS B 419 -1.54 -0.77 -7.78
CA CYS B 419 -1.18 -2.18 -7.88
C CYS B 419 -1.77 -2.81 -9.13
N LEU B 420 -3.06 -2.58 -9.38
CA LEU B 420 -3.73 -3.23 -10.51
C LEU B 420 -3.27 -2.64 -11.83
N ASN B 421 -3.00 -1.32 -11.87
CA ASN B 421 -2.55 -0.69 -13.09
C ASN B 421 -1.17 -1.19 -13.50
N ASP B 422 -0.22 -1.17 -12.55
CA ASP B 422 1.15 -1.58 -12.85
C ASP B 422 1.26 -3.07 -13.13
N ARG B 423 0.31 -3.88 -12.63
CA ARG B 423 0.41 -5.32 -12.79
C ARG B 423 -0.14 -5.80 -14.13
N TYR B 424 -1.22 -5.19 -14.61
CA TYR B 424 -1.94 -5.70 -15.77
C TYR B 424 -1.85 -4.81 -17.00
N GLU B 425 -1.67 -3.50 -16.85
CA GLU B 425 -1.53 -2.64 -18.00
C GLU B 425 -0.21 -2.90 -18.72
N LEU B 426 -0.27 -3.09 -20.04
CA LEU B 426 0.96 -3.22 -20.82
C LEU B 426 1.75 -1.92 -20.80
N ASP B 427 1.07 -0.80 -20.60
CA ASP B 427 1.69 0.53 -20.52
C ASP B 427 1.92 0.98 -19.09
N GLY B 428 1.83 0.07 -18.11
CA GLY B 428 1.93 0.43 -16.71
C GLY B 428 3.37 0.71 -16.28
N ARG B 429 3.51 0.98 -14.98
CA ARG B 429 4.78 1.36 -14.39
C ARG B 429 5.37 2.57 -15.11
N ASP B 430 4.52 3.57 -15.34
CA ASP B 430 4.80 4.70 -16.20
C ASP B 430 4.40 6.00 -15.50
N PRO B 431 5.09 7.09 -15.78
CA PRO B 431 4.65 8.40 -15.25
C PRO B 431 3.24 8.77 -15.67
N ASN B 432 2.79 8.32 -16.84
CA ASN B 432 1.41 8.54 -17.23
C ASN B 432 0.45 7.85 -16.27
N GLY B 433 0.82 6.66 -15.80
CA GLY B 433 -0.04 5.94 -14.87
C GLY B 433 -0.20 6.65 -13.54
N TYR B 434 0.91 7.11 -12.97
CA TYR B 434 0.84 7.76 -11.67
C TYR B 434 0.19 9.12 -11.74
N ALA B 435 0.36 9.85 -12.86
CA ALA B 435 -0.32 11.12 -13.03
C ALA B 435 -1.80 10.92 -13.35
N GLY B 436 -2.12 9.89 -14.13
CA GLY B 436 -3.53 9.61 -14.40
C GLY B 436 -4.28 9.17 -13.16
N ILE B 437 -3.67 8.28 -12.36
CA ILE B 437 -4.30 7.86 -11.11
C ILE B 437 -4.41 9.04 -10.14
N ALA B 438 -3.35 9.86 -10.06
CA ALA B 438 -3.41 11.04 -9.21
C ALA B 438 -4.44 12.04 -9.70
N TRP B 439 -4.69 12.09 -11.02
CA TRP B 439 -5.75 12.94 -11.55
C TRP B 439 -7.12 12.41 -11.14
N SER B 440 -7.32 11.09 -11.23
CA SER B 440 -8.64 10.50 -10.99
C SER B 440 -8.98 10.45 -9.50
N ILE B 441 -8.00 10.19 -8.65
CA ILE B 441 -8.23 10.01 -7.22
C ILE B 441 -7.90 11.26 -6.43
N GLY B 442 -6.81 11.95 -6.79
CA GLY B 442 -6.37 13.10 -6.03
C GLY B 442 -6.68 14.43 -6.68
N GLY B 443 -7.17 14.42 -7.91
CA GLY B 443 -7.48 15.67 -8.58
C GLY B 443 -6.27 16.45 -9.06
N VAL B 444 -5.09 15.83 -9.12
CA VAL B 444 -3.92 16.51 -9.64
C VAL B 444 -4.15 16.83 -11.11
N HIS B 445 -3.85 18.08 -11.49
CA HIS B 445 -4.16 18.61 -12.82
C HIS B 445 -5.66 18.65 -13.08
N ASP B 446 -6.45 18.73 -12.01
CA ASP B 446 -7.90 18.90 -12.12
C ASP B 446 -8.33 20.03 -11.19
N ARG B 447 -9.63 20.25 -11.06
CA ARG B 447 -10.18 21.29 -10.21
C ARG B 447 -11.30 20.73 -9.34
N ALA B 448 -11.78 21.55 -8.41
CA ALA B 448 -12.77 21.10 -7.45
C ALA B 448 -14.19 21.18 -8.03
N TRP B 449 -15.00 20.20 -7.68
CA TRP B 449 -16.40 20.12 -8.12
C TRP B 449 -17.30 20.03 -6.89
N GLY B 450 -18.59 19.80 -7.13
CA GLY B 450 -19.57 19.73 -6.06
C GLY B 450 -19.23 18.71 -4.98
N GLU B 451 -19.26 19.16 -3.72
CA GLU B 451 -18.91 18.28 -2.61
C GLU B 451 -19.92 17.15 -2.48
N ARG B 452 -19.42 15.93 -2.34
CA ARG B 452 -20.25 14.75 -2.15
C ARG B 452 -19.72 13.96 -0.95
N GLU B 453 -20.48 12.99 -0.48
CA GLU B 453 -19.87 12.15 0.59
C GLU B 453 -18.88 11.20 -0.09
N VAL B 454 -17.86 10.77 0.67
CA VAL B 454 -16.72 9.86 0.27
C VAL B 454 -15.74 10.60 -0.63
N THR B 455 -16.17 11.02 -1.80
CA THR B 455 -15.25 11.63 -2.78
C THR B 455 -15.12 13.13 -2.50
N GLY B 456 -16.00 13.71 -1.70
CA GLY B 456 -15.80 15.14 -1.47
C GLY B 456 -15.94 15.95 -2.74
N LYS B 457 -14.98 16.84 -2.97
CA LYS B 457 -14.98 17.73 -4.13
C LYS B 457 -14.25 17.13 -5.32
N ILE B 458 -13.75 15.90 -5.22
CA ILE B 458 -13.13 15.25 -6.36
C ILE B 458 -14.18 15.03 -7.44
N ARG B 459 -13.74 15.06 -8.70
CA ARG B 459 -14.66 14.91 -9.82
C ARG B 459 -15.39 13.57 -9.75
N TYR B 460 -16.71 13.63 -9.96
CA TYR B 460 -17.57 12.46 -9.86
C TYR B 460 -17.98 11.98 -11.24
N MET B 461 -17.94 10.67 -11.44
CA MET B 461 -18.45 10.02 -12.63
C MET B 461 -19.44 8.95 -12.23
N SER B 462 -20.53 8.82 -12.98
CA SER B 462 -21.64 7.97 -12.61
C SER B 462 -21.95 6.99 -13.73
N TYR B 463 -22.60 5.88 -13.35
CA TYR B 463 -23.02 4.88 -14.32
C TYR B 463 -24.02 5.47 -15.31
N GLU B 464 -24.96 6.28 -14.81
CA GLU B 464 -25.92 6.93 -15.70
C GLU B 464 -25.24 7.94 -16.62
N GLY B 465 -24.22 8.64 -16.11
CA GLY B 465 -23.49 9.59 -16.94
C GLY B 465 -22.82 8.93 -18.13
N CYS B 466 -22.30 7.72 -17.93
CA CYS B 466 -21.73 6.96 -19.04
C CYS B 466 -22.81 6.42 -19.97
N LYS B 467 -24.04 6.26 -19.47
CA LYS B 467 -25.12 5.78 -20.32
C LYS B 467 -25.49 6.79 -21.40
N ARG B 468 -25.32 8.08 -21.12
CA ARG B 468 -25.69 9.10 -22.09
CA ARG B 468 -25.65 9.18 -22.02
C ARG B 468 -24.57 9.44 -23.05
N LYS B 469 -23.45 8.72 -23.01
CA LYS B 469 -22.32 9.01 -23.88
C LYS B 469 -21.91 7.88 -24.81
N PHE B 470 -22.19 6.61 -24.47
CA PHE B 470 -21.83 5.51 -25.35
C PHE B 470 -22.70 4.31 -25.01
N ASP B 471 -22.65 3.30 -25.87
CA ASP B 471 -23.40 2.06 -25.68
C ASP B 471 -22.74 1.27 -24.55
N VAL B 472 -23.32 1.39 -23.36
CA VAL B 472 -22.76 0.71 -22.19
C VAL B 472 -22.95 -0.80 -22.29
N LYS B 473 -24.13 -1.24 -22.75
CA LYS B 473 -24.40 -2.67 -22.84
C LYS B 473 -23.51 -3.35 -23.86
N LEU B 474 -23.11 -2.64 -24.91
CA LEU B 474 -22.18 -3.22 -25.89
C LEU B 474 -20.81 -3.44 -25.26
N TYR B 475 -20.37 -2.51 -24.41
CA TYR B 475 -19.09 -2.66 -23.71
C TYR B 475 -19.12 -3.83 -22.73
N ILE B 476 -20.22 -3.96 -21.98
CA ILE B 476 -20.35 -5.04 -21.01
C ILE B 476 -20.40 -6.39 -21.73
N GLU B 477 -21.18 -6.47 -22.81
CA GLU B 477 -21.32 -7.74 -23.53
C GLU B 477 -20.02 -8.17 -24.18
N LYS B 478 -19.20 -7.22 -24.62
CA LYS B 478 -17.92 -7.57 -25.25
C LYS B 478 -16.97 -8.21 -24.25
N TYR B 479 -17.01 -7.79 -22.98
CA TYR B 479 -16.09 -8.24 -21.96
C TYR B 479 -16.83 -8.90 -20.80
N SER B 480 -17.83 -9.71 -21.12
CA SER B 480 -18.59 -10.42 -20.09
C SER B 480 -17.79 -11.58 -19.52
P TTD E 6 -7.43 22.56 -19.02
OP1 TTD E 6 -6.58 22.18 -17.83
OP2 TTD E 6 -6.81 23.35 -20.15
O5' TTD E 6 -8.10 21.24 -19.63
C5' TTD E 6 -8.53 20.14 -18.83
C4R TTD E 6 -9.52 19.33 -19.67
O4' TTD E 6 -8.86 18.25 -20.37
C3R TTD E 6 -10.65 18.73 -18.87
O3R TTD E 6 -11.86 19.27 -19.40
C2' TTD E 6 -10.59 17.23 -19.18
C1' TTD E 6 -9.79 17.16 -20.47
N1 TTD E 6 -9.13 15.86 -20.65
C2 TTD E 6 -8.66 15.62 -21.88
O2 TTD E 6 -8.73 16.47 -22.74
N3 TTD E 6 -8.12 14.43 -22.12
C4 TTD E 6 -7.39 13.81 -21.20
O4 TTD E 6 -6.36 13.24 -21.46
C5 TTD E 6 -7.86 13.85 -19.78
C5A TTD E 6 -6.65 13.93 -18.86
C6 TTD E 6 -8.96 14.90 -19.55
PB TTD E 6 -13.29 19.13 -18.68
O5P TTD E 6 -14.27 20.00 -19.42
O4P TTD E 6 -13.12 19.31 -17.19
O5R TTD E 6 -13.68 17.60 -18.96
C5R TTD E 6 -14.00 17.18 -20.30
O4R TTD E 6 -12.45 15.42 -21.05
C2R TTD E 6 -12.79 13.76 -19.38
C1R TTD E 6 -12.15 14.05 -20.73
N1T TTD E 6 -10.71 13.69 -20.81
C2T TTD E 6 -10.65 12.42 -21.46
O2T TTD E 6 -11.65 12.02 -22.04
N3T TTD E 6 -9.54 11.70 -21.42
C4T TTD E 6 -8.87 11.58 -20.29
O4T TTD E 6 -8.29 10.57 -19.95
C5T TTD E 6 -8.85 12.77 -19.39
C5M TTD E 6 -8.56 12.28 -17.97
C6T TTD E 6 -10.00 13.77 -19.52
C4' TTD E 6 -13.74 15.70 -20.49
C3' TTD E 6 -13.78 14.90 -19.19
O3' TTD E 6 -15.10 14.37 -18.99
PA FAD G . 4.56 -6.83 26.98
O1A FAD G . 4.21 -7.93 27.91
O2A FAD G . 5.91 -6.16 27.24
O5B FAD G . 3.42 -5.74 26.95
C5B FAD G . 2.23 -5.88 27.73
C4B FAD G . 1.07 -5.40 26.91
O4B FAD G . 1.14 -3.96 26.77
C3B FAD G . 1.02 -5.92 25.48
O3B FAD G . 0.35 -7.18 25.42
C2B FAD G . 0.23 -4.82 24.76
O2B FAD G . -1.16 -4.93 24.97
C1B FAD G . 0.78 -3.57 25.46
N9A FAD G . 1.95 -2.98 24.81
C8A FAD G . 3.26 -3.30 25.03
N7A FAD G . 4.11 -2.61 24.31
C5A FAD G . 3.29 -1.78 23.56
C6A FAD G . 3.57 -0.80 22.58
N6A FAD G . 4.81 -0.48 22.18
N1A FAD G . 2.52 -0.17 22.01
C2A FAD G . 1.29 -0.48 22.40
N3A FAD G . 0.90 -1.38 23.31
C4A FAD G . 1.96 -2.01 23.85
N1 FAD G . 1.26 -5.06 19.39
C2 FAD G . 0.17 -5.75 19.01
O2 FAD G . -0.76 -6.04 19.94
N3 FAD G . -0.04 -6.04 17.75
C4 FAD G . 0.87 -5.73 16.85
O4 FAD G . 0.60 -6.11 15.60
C4X FAD G . 2.05 -5.12 17.20
N5 FAD G . 2.96 -4.95 16.24
C5X FAD G . 3.89 -4.03 16.62
C6 FAD G . 4.62 -3.44 15.62
C7 FAD G . 5.68 -2.57 15.89
C7M FAD G . 6.57 -1.99 14.76
C8 FAD G . 5.90 -2.18 17.21
C8M FAD G . 7.03 -1.16 17.56
C9 FAD G . 5.09 -2.69 18.22
C9A FAD G . 4.09 -3.67 17.98
N10 FAD G . 3.37 -4.19 18.92
C10 FAD G . 2.28 -4.81 18.53
C1' FAD G . 3.34 -3.57 20.24
C2' FAD G . 4.22 -4.29 21.26
O2' FAD G . 5.50 -4.58 20.68
C3' FAD G . 3.54 -5.59 21.67
O3' FAD G . 2.43 -5.26 22.52
C4' FAD G . 4.42 -6.61 22.40
O4' FAD G . 5.69 -6.69 21.75
C5' FAD G . 3.77 -7.97 22.46
O5' FAD G . 4.45 -8.77 23.45
P FAD G . 3.99 -8.77 24.95
O1P FAD G . 2.46 -8.72 25.03
O2P FAD G . 4.63 -9.89 25.69
O3P FAD G . 4.57 -7.38 25.49
S SO4 H . 0.79 -19.45 7.93
O1 SO4 H . -0.01 -20.55 8.45
O2 SO4 H . 0.60 -19.35 6.49
O3 SO4 H . 2.20 -19.70 8.22
O4 SO4 H . 0.39 -18.21 8.57
PA FAD I . -4.50 7.67 -27.26
O1A FAD I . -4.08 7.14 -28.58
O2A FAD I . -5.83 8.41 -27.25
O5B FAD I . -3.39 8.59 -26.64
C5B FAD I . -2.17 8.87 -27.35
C4B FAD I . -1.04 8.97 -26.35
O4B FAD I . -1.23 10.17 -25.54
C3B FAD I . -0.98 7.83 -25.35
O3B FAD I . -0.23 6.74 -25.87
C2B FAD I . -0.28 8.49 -24.15
O2B FAD I . 1.14 8.51 -24.31
C1B FAD I . -0.85 9.90 -24.20
N9A FAD I . -2.03 10.09 -23.36
C8A FAD I . -3.35 9.98 -23.72
N7A FAD I . -4.19 10.20 -22.75
C5A FAD I . -3.38 10.50 -21.66
C6A FAD I . -3.66 10.83 -20.32
N6A FAD I . -4.90 10.94 -19.83
N1A FAD I . -2.61 11.06 -19.50
C2A FAD I . -1.38 10.97 -19.99
N3A FAD I . -0.99 10.66 -21.23
C4A FAD I . -2.04 10.44 -22.02
N1 FAD I . -1.14 5.78 -19.68
C2 FAD I . -0.03 4.98 -19.73
O2 FAD I . 0.76 5.02 -20.69
N3 FAD I . 0.22 4.09 -18.71
C4 FAD I . -0.54 3.92 -17.58
O4 FAD I . -0.22 3.09 -16.73
C4X FAD I . -1.72 4.76 -17.54
N5 FAD I . -2.51 4.65 -16.51
C5X FAD I . -3.62 5.46 -16.46
C6 FAD I . -4.48 5.35 -15.36
C7 FAD I . -5.62 6.15 -15.26
C7M FAD I . -6.51 6.01 -14.05
C8 FAD I . -5.92 7.07 -16.28
C8M FAD I . -7.14 7.94 -16.20
C9 FAD I . -5.07 7.18 -17.37
C9A FAD I . -3.93 6.38 -17.47
N10 FAD I . -3.05 6.45 -18.58
C10 FAD I . -1.93 5.66 -18.64
C1' FAD I . -3.30 7.40 -19.68
C2' FAD I . -4.26 6.88 -20.75
O2' FAD I . -5.32 6.12 -20.16
C3' FAD I . -3.49 6.01 -21.74
O3' FAD I . -2.30 6.69 -22.14
C4' FAD I . -4.27 5.63 -23.00
O4' FAD I . -5.57 5.16 -22.63
C5' FAD I . -3.55 4.59 -23.83
O5' FAD I . -4.30 4.34 -25.03
P FAD I . -3.94 5.05 -26.39
O1P FAD I . -2.42 5.25 -26.49
O2P FAD I . -4.54 4.35 -27.55
O3P FAD I . -4.61 6.49 -26.22
#